data_2EMI
#
_entry.id   2EMI
#
loop_
_entity.id
_entity.type
_entity.pdbx_description
1 polymer 'Zinc finger protein 484'
2 non-polymer 'ZINC ION'
#
_entity_poly.entity_id   1
_entity_poly.type   'polypeptide(L)'
_entity_poly.pdbx_seq_one_letter_code
;GSSGSSGTGERHYECSECGKAFIQKSTLSMHQRIHRGEKPSGPSSG
;
_entity_poly.pdbx_strand_id   A
#
loop_
_chem_comp.id
_chem_comp.type
_chem_comp.name
_chem_comp.formula
ZN non-polymer 'ZINC ION' 'Zn 2'
#
# COMPACT_ATOMS: atom_id res chain seq x y z
N GLY A 1 22.93 24.17 -11.81
CA GLY A 1 22.64 22.80 -11.49
C GLY A 1 21.88 22.08 -12.58
N SER A 2 21.68 20.78 -12.41
CA SER A 2 20.97 19.98 -13.40
C SER A 2 20.32 18.76 -12.75
N SER A 3 19.00 18.69 -12.79
CA SER A 3 18.25 17.58 -12.21
C SER A 3 16.92 17.40 -12.91
N GLY A 4 16.24 16.30 -12.59
CA GLY A 4 14.95 16.02 -13.18
C GLY A 4 14.73 14.54 -13.45
N SER A 5 14.51 13.77 -12.40
CA SER A 5 14.30 12.33 -12.53
C SER A 5 12.85 11.98 -12.25
N SER A 6 11.94 12.80 -12.75
CA SER A 6 10.50 12.57 -12.56
C SER A 6 9.82 12.27 -13.89
N GLY A 7 9.92 11.03 -14.33
CA GLY A 7 9.31 10.63 -15.58
C GLY A 7 10.10 9.56 -16.31
N THR A 8 10.58 8.57 -15.57
CA THR A 8 11.35 7.48 -16.14
C THR A 8 10.70 6.13 -15.87
N GLY A 9 9.86 5.69 -16.81
CA GLY A 9 9.19 4.41 -16.65
C GLY A 9 7.68 4.55 -16.59
N GLU A 10 7.11 4.34 -15.41
CA GLU A 10 5.67 4.44 -15.23
C GLU A 10 5.30 4.30 -13.76
N ARG A 11 4.66 5.34 -13.22
CA ARG A 11 4.26 5.33 -11.82
C ARG A 11 3.66 3.99 -11.43
N HIS A 12 3.67 3.68 -10.13
CA HIS A 12 3.13 2.42 -9.63
C HIS A 12 2.44 2.63 -8.29
N TYR A 13 1.56 1.70 -7.93
CA TYR A 13 0.83 1.78 -6.67
C TYR A 13 1.44 0.84 -5.64
N GLU A 14 2.17 1.41 -4.68
CA GLU A 14 2.80 0.64 -3.63
C GLU A 14 2.06 0.79 -2.31
N CYS A 15 1.98 -0.28 -1.54
CA CYS A 15 1.30 -0.27 -0.25
C CYS A 15 1.89 0.81 0.66
N SER A 16 1.07 1.31 1.58
CA SER A 16 1.52 2.34 2.52
C SER A 16 1.65 1.77 3.93
N GLU A 17 1.17 0.55 4.13
CA GLU A 17 1.24 -0.10 5.42
C GLU A 17 2.57 -0.83 5.60
N CYS A 18 2.86 -1.75 4.68
CA CYS A 18 4.11 -2.51 4.73
C CYS A 18 5.19 -1.85 3.89
N GLY A 19 4.83 -1.43 2.68
CA GLY A 19 5.78 -0.78 1.80
C GLY A 19 5.98 -1.55 0.50
N LYS A 20 5.10 -2.50 0.24
CA LYS A 20 5.18 -3.31 -0.97
C LYS A 20 4.85 -2.48 -2.20
N ALA A 21 5.31 -2.94 -3.37
CA ALA A 21 5.05 -2.24 -4.62
C ALA A 21 4.28 -3.12 -5.60
N PHE A 22 3.37 -2.52 -6.35
CA PHE A 22 2.56 -3.25 -7.31
C PHE A 22 2.49 -2.51 -8.64
N ILE A 23 2.15 -3.23 -9.70
CA ILE A 23 2.04 -2.64 -11.02
C ILE A 23 0.66 -2.02 -11.25
N GLN A 24 -0.37 -2.73 -10.80
CA GLN A 24 -1.73 -2.25 -10.95
C GLN A 24 -2.32 -1.83 -9.61
N LYS A 25 -3.25 -0.88 -9.64
CA LYS A 25 -3.88 -0.40 -8.41
C LYS A 25 -4.79 -1.46 -7.80
N SER A 26 -5.67 -2.02 -8.63
CA SER A 26 -6.59 -3.06 -8.17
C SER A 26 -5.83 -4.20 -7.49
N THR A 27 -4.76 -4.65 -8.13
CA THR A 27 -3.94 -5.73 -7.59
C THR A 27 -3.47 -5.41 -6.18
N LEU A 28 -3.08 -4.16 -5.96
CA LEU A 28 -2.60 -3.72 -4.65
C LEU A 28 -3.69 -3.87 -3.59
N SER A 29 -4.90 -3.44 -3.92
CA SER A 29 -6.03 -3.52 -3.00
C SER A 29 -6.19 -4.95 -2.47
N MET A 30 -6.11 -5.93 -3.38
CA MET A 30 -6.25 -7.32 -3.01
C MET A 30 -5.25 -7.69 -1.90
N HIS A 31 -4.14 -6.97 -1.84
CA HIS A 31 -3.11 -7.22 -0.84
C HIS A 31 -3.37 -6.38 0.41
N GLN A 32 -3.48 -5.07 0.23
CA GLN A 32 -3.72 -4.15 1.34
C GLN A 32 -4.72 -4.76 2.33
N ARG A 33 -5.63 -5.57 1.81
CA ARG A 33 -6.64 -6.21 2.65
C ARG A 33 -6.01 -6.88 3.86
N ILE A 34 -4.92 -7.62 3.62
CA ILE A 34 -4.22 -8.31 4.70
C ILE A 34 -4.04 -7.40 5.90
N HIS A 35 -3.89 -6.10 5.65
CA HIS A 35 -3.70 -5.13 6.72
C HIS A 35 -5.04 -4.77 7.36
N ARG A 36 -6.11 -4.83 6.57
CA ARG A 36 -7.45 -4.51 7.06
C ARG A 36 -7.80 -5.35 8.27
N GLY A 37 -8.13 -4.70 9.38
CA GLY A 37 -8.48 -5.42 10.59
C GLY A 37 -8.28 -4.58 11.84
N GLU A 38 -7.90 -5.24 12.93
CA GLU A 38 -7.67 -4.55 14.20
C GLU A 38 -6.19 -4.22 14.37
N LYS A 39 -5.92 -3.16 15.14
CA LYS A 39 -4.54 -2.73 15.39
C LYS A 39 -4.26 -2.62 16.88
N PRO A 40 -2.98 -2.70 17.25
CA PRO A 40 -2.56 -2.62 18.66
C PRO A 40 -2.74 -1.21 19.23
N SER A 41 -2.82 -1.11 20.55
CA SER A 41 -2.99 0.17 21.22
C SER A 41 -1.92 1.17 20.77
N GLY A 42 -0.66 0.80 20.98
CA GLY A 42 0.44 1.68 20.58
C GLY A 42 1.49 1.79 21.66
N PRO A 43 1.11 2.27 22.85
CA PRO A 43 2.02 2.44 23.98
C PRO A 43 2.48 1.10 24.55
N SER A 44 2.04 0.00 23.93
CA SER A 44 2.39 -1.33 24.38
C SER A 44 3.81 -1.35 24.94
N SER A 45 3.92 -1.51 26.25
CA SER A 45 5.22 -1.55 26.92
C SER A 45 5.62 -2.98 27.25
N GLY A 46 6.45 -3.57 26.39
CA GLY A 46 6.89 -4.94 26.60
C GLY A 46 6.22 -5.92 25.67
ZN ZN B . 0.86 -4.04 2.55
N GLY A 1 1.64 23.40 -0.73
CA GLY A 1 2.52 22.30 -1.08
C GLY A 1 3.87 22.77 -1.54
N SER A 2 3.97 23.10 -2.83
CA SER A 2 5.24 23.57 -3.41
C SER A 2 6.36 22.57 -3.12
N SER A 3 6.06 21.29 -3.26
CA SER A 3 7.03 20.23 -3.01
C SER A 3 7.60 19.71 -4.33
N GLY A 4 6.73 19.15 -5.16
CA GLY A 4 7.16 18.61 -6.44
C GLY A 4 7.70 17.20 -6.32
N SER A 5 7.01 16.35 -5.57
CA SER A 5 7.44 14.98 -5.36
C SER A 5 6.98 14.10 -6.53
N SER A 6 5.75 14.29 -6.96
CA SER A 6 5.18 13.52 -8.06
C SER A 6 5.21 14.33 -9.35
N GLY A 7 6.25 14.12 -10.15
CA GLY A 7 6.37 14.82 -11.42
C GLY A 7 7.19 14.06 -12.43
N THR A 8 8.39 13.64 -12.03
CA THR A 8 9.28 12.91 -12.92
C THR A 8 9.12 11.40 -12.72
N GLY A 9 7.88 10.96 -12.57
CA GLY A 9 7.62 9.54 -12.38
C GLY A 9 6.76 9.27 -11.16
N GLU A 10 7.02 8.15 -10.50
CA GLU A 10 6.27 7.78 -9.30
C GLU A 10 4.84 7.39 -9.66
N ARG A 11 4.69 6.65 -10.76
CA ARG A 11 3.38 6.22 -11.22
C ARG A 11 3.15 4.75 -10.88
N HIS A 12 3.57 4.35 -9.69
CA HIS A 12 3.40 2.97 -9.24
C HIS A 12 2.54 2.90 -7.98
N TYR A 13 1.74 1.85 -7.87
CA TYR A 13 0.87 1.67 -6.72
C TYR A 13 1.59 0.95 -5.60
N GLU A 14 1.98 1.70 -4.57
CA GLU A 14 2.68 1.13 -3.42
C GLU A 14 1.77 1.05 -2.21
N CYS A 15 2.10 0.16 -1.29
CA CYS A 15 1.32 -0.03 -0.08
C CYS A 15 1.90 0.77 1.09
N SER A 16 1.15 1.76 1.56
CA SER A 16 1.59 2.59 2.66
C SER A 16 1.32 1.92 4.01
N GLU A 17 1.52 0.61 4.05
CA GLU A 17 1.28 -0.15 5.27
C GLU A 17 2.50 -1.03 5.61
N CYS A 18 2.95 -1.79 4.62
CA CYS A 18 4.10 -2.67 4.81
C CYS A 18 5.29 -2.20 3.98
N GLY A 19 5.04 -1.93 2.70
CA GLY A 19 6.09 -1.47 1.81
C GLY A 19 6.25 -2.35 0.59
N LYS A 20 5.16 -2.51 -0.16
CA LYS A 20 5.17 -3.32 -1.37
C LYS A 20 4.71 -2.52 -2.58
N ALA A 21 5.45 -2.62 -3.68
CA ALA A 21 5.10 -1.91 -4.89
C ALA A 21 4.38 -2.82 -5.89
N PHE A 22 3.35 -2.30 -6.51
CA PHE A 22 2.56 -3.07 -7.49
C PHE A 22 2.36 -2.28 -8.78
N ILE A 23 2.28 -2.99 -9.89
CA ILE A 23 2.08 -2.36 -11.18
C ILE A 23 0.62 -1.99 -11.40
N GLN A 24 -0.27 -2.88 -11.01
CA GLN A 24 -1.70 -2.64 -11.16
C GLN A 24 -2.32 -2.16 -9.85
N LYS A 25 -3.30 -1.27 -9.94
CA LYS A 25 -3.96 -0.73 -8.76
C LYS A 25 -4.69 -1.83 -8.00
N SER A 26 -5.46 -2.64 -8.73
CA SER A 26 -6.22 -3.73 -8.12
C SER A 26 -5.31 -4.62 -7.28
N THR A 27 -4.20 -5.05 -7.89
CA THR A 27 -3.25 -5.91 -7.20
C THR A 27 -2.96 -5.40 -5.79
N LEU A 28 -3.02 -4.09 -5.62
CA LEU A 28 -2.77 -3.48 -4.32
C LEU A 28 -4.00 -3.57 -3.43
N SER A 29 -5.12 -3.05 -3.91
CA SER A 29 -6.36 -3.07 -3.15
C SER A 29 -6.64 -4.47 -2.60
N MET A 30 -6.34 -5.49 -3.40
CA MET A 30 -6.56 -6.87 -2.99
C MET A 30 -5.54 -7.28 -1.93
N HIS A 31 -4.41 -6.59 -1.90
CA HIS A 31 -3.35 -6.88 -0.92
C HIS A 31 -3.63 -6.17 0.40
N GLN A 32 -3.90 -4.87 0.32
CA GLN A 32 -4.19 -4.09 1.51
C GLN A 32 -5.04 -4.87 2.50
N ARG A 33 -5.81 -5.82 1.99
CA ARG A 33 -6.67 -6.64 2.84
C ARG A 33 -5.88 -7.22 4.01
N ILE A 34 -4.70 -7.76 3.72
CA ILE A 34 -3.86 -8.34 4.75
C ILE A 34 -3.75 -7.42 5.96
N HIS A 35 -4.00 -6.13 5.74
CA HIS A 35 -3.93 -5.14 6.81
C HIS A 35 -5.30 -4.91 7.42
N ARG A 36 -6.33 -4.92 6.58
CA ARG A 36 -7.70 -4.71 7.04
C ARG A 36 -8.10 -5.77 8.07
N GLY A 37 -7.90 -5.45 9.34
CA GLY A 37 -8.25 -6.38 10.39
C GLY A 37 -8.73 -5.68 11.65
N GLU A 38 -9.74 -4.83 11.50
CA GLU A 38 -10.29 -4.09 12.63
C GLU A 38 -11.71 -4.53 12.95
N LYS A 39 -11.98 -4.81 14.22
CA LYS A 39 -13.31 -5.25 14.64
C LYS A 39 -14.40 -4.51 13.87
N PRO A 40 -15.53 -5.19 13.65
CA PRO A 40 -16.68 -4.62 12.93
C PRO A 40 -17.36 -3.51 13.72
N SER A 41 -17.07 -2.26 13.36
CA SER A 41 -17.66 -1.11 14.03
C SER A 41 -19.09 -1.41 14.46
N GLY A 42 -19.38 -1.21 15.74
CA GLY A 42 -20.72 -1.46 16.25
C GLY A 42 -21.67 -0.31 15.98
N PRO A 43 -22.87 -0.39 16.56
CA PRO A 43 -23.90 0.65 16.39
C PRO A 43 -23.52 1.96 17.09
N SER A 44 -23.24 2.99 16.28
CA SER A 44 -22.87 4.29 16.82
C SER A 44 -23.95 5.32 16.54
N SER A 45 -24.17 5.60 15.26
CA SER A 45 -25.17 6.58 14.85
C SER A 45 -26.58 6.03 15.06
N GLY A 46 -27.34 6.67 15.94
CA GLY A 46 -28.69 6.24 16.21
C GLY A 46 -29.41 7.14 17.19
ZN ZN B . 0.69 -3.92 2.74
N GLY A 1 28.27 -7.09 -9.14
CA GLY A 1 27.33 -8.09 -9.63
C GLY A 1 25.90 -7.59 -9.61
N SER A 2 25.05 -8.21 -10.43
CA SER A 2 23.64 -7.83 -10.51
C SER A 2 22.74 -8.98 -10.09
N SER A 3 21.45 -8.68 -9.89
CA SER A 3 20.49 -9.70 -9.48
C SER A 3 19.43 -9.90 -10.56
N GLY A 4 18.79 -8.80 -10.95
CA GLY A 4 17.76 -8.88 -11.98
C GLY A 4 16.39 -9.22 -11.40
N SER A 5 16.35 -10.28 -10.60
CA SER A 5 15.10 -10.72 -9.99
C SER A 5 14.43 -9.56 -9.24
N SER A 6 13.13 -9.70 -9.00
CA SER A 6 12.37 -8.67 -8.30
C SER A 6 12.73 -7.28 -8.81
N GLY A 7 12.74 -7.13 -10.13
CA GLY A 7 13.06 -5.85 -10.73
C GLY A 7 11.86 -4.95 -10.87
N THR A 8 12.07 -3.64 -10.75
CA THR A 8 10.99 -2.67 -10.85
C THR A 8 11.54 -1.24 -10.93
N GLY A 9 10.64 -0.28 -11.13
CA GLY A 9 11.05 1.11 -11.22
C GLY A 9 10.84 1.85 -9.92
N GLU A 10 10.22 3.03 -10.00
CA GLU A 10 9.95 3.84 -8.82
C GLU A 10 8.49 4.28 -8.79
N ARG A 11 8.04 4.93 -9.85
CA ARG A 11 6.66 5.39 -9.94
C ARG A 11 5.70 4.22 -10.11
N HIS A 12 5.03 3.85 -9.03
CA HIS A 12 4.08 2.74 -9.06
C HIS A 12 3.24 2.70 -7.78
N TYR A 13 2.12 1.99 -7.82
CA TYR A 13 1.24 1.87 -6.67
C TYR A 13 1.91 1.06 -5.56
N GLU A 14 2.37 1.75 -4.53
CA GLU A 14 3.02 1.10 -3.40
C GLU A 14 2.10 1.06 -2.19
N CYS A 15 2.31 0.08 -1.32
CA CYS A 15 1.50 -0.08 -0.12
C CYS A 15 2.07 0.77 1.02
N SER A 16 1.27 1.72 1.49
CA SER A 16 1.69 2.58 2.58
C SER A 16 1.43 1.94 3.94
N GLU A 17 1.30 0.62 3.94
CA GLU A 17 1.04 -0.13 5.16
C GLU A 17 2.25 -0.99 5.53
N CYS A 18 2.84 -1.63 4.52
CA CYS A 18 4.00 -2.49 4.74
C CYS A 18 5.21 -1.98 3.94
N GLY A 19 4.96 -1.61 2.69
CA GLY A 19 6.03 -1.12 1.85
C GLY A 19 6.20 -1.93 0.59
N LYS A 20 5.09 -2.50 0.10
CA LYS A 20 5.12 -3.31 -1.11
C LYS A 20 5.00 -2.43 -2.35
N ALA A 21 4.93 -3.07 -3.52
CA ALA A 21 4.81 -2.35 -4.78
C ALA A 21 4.04 -3.16 -5.80
N PHE A 22 3.08 -2.53 -6.46
CA PHE A 22 2.26 -3.19 -7.47
C PHE A 22 2.07 -2.29 -8.69
N ILE A 23 2.22 -2.87 -9.88
CA ILE A 23 2.05 -2.12 -11.12
C ILE A 23 0.58 -1.74 -11.33
N GLN A 24 -0.32 -2.51 -10.74
CA GLN A 24 -1.75 -2.25 -10.88
C GLN A 24 -2.37 -1.98 -9.51
N LYS A 25 -3.25 -0.99 -9.46
CA LYS A 25 -3.93 -0.62 -8.22
C LYS A 25 -4.87 -1.73 -7.76
N SER A 26 -5.59 -2.33 -8.71
CA SER A 26 -6.52 -3.41 -8.40
C SER A 26 -5.81 -4.54 -7.68
N THR A 27 -4.63 -4.91 -8.17
CA THR A 27 -3.86 -5.99 -7.57
C THR A 27 -3.44 -5.64 -6.15
N LEU A 28 -3.06 -4.38 -5.94
CA LEU A 28 -2.64 -3.92 -4.62
C LEU A 28 -3.79 -3.98 -3.62
N SER A 29 -4.96 -3.51 -4.05
CA SER A 29 -6.14 -3.53 -3.20
C SER A 29 -6.38 -4.91 -2.60
N MET A 30 -6.16 -5.94 -3.42
CA MET A 30 -6.35 -7.31 -2.98
C MET A 30 -5.36 -7.68 -1.88
N HIS A 31 -4.24 -6.96 -1.85
CA HIS A 31 -3.20 -7.22 -0.85
C HIS A 31 -3.47 -6.43 0.42
N GLN A 32 -3.63 -5.11 0.27
CA GLN A 32 -3.90 -4.24 1.42
C GLN A 32 -4.88 -4.88 2.38
N ARG A 33 -5.70 -5.80 1.86
CA ARG A 33 -6.69 -6.50 2.67
C ARG A 33 -6.05 -7.04 3.94
N ILE A 34 -4.87 -7.63 3.80
CA ILE A 34 -4.16 -8.20 4.94
C ILE A 34 -3.95 -7.16 6.03
N HIS A 35 -3.92 -5.88 5.64
CA HIS A 35 -3.73 -4.79 6.58
C HIS A 35 -5.07 -4.31 7.14
N ARG A 36 -6.12 -5.09 6.89
CA ARG A 36 -7.46 -4.75 7.36
C ARG A 36 -8.30 -6.00 7.59
N GLY A 37 -9.07 -6.00 8.67
CA GLY A 37 -9.90 -7.14 8.99
C GLY A 37 -9.12 -8.27 9.64
N GLU A 38 -8.20 -7.91 10.54
CA GLU A 38 -7.40 -8.91 11.23
C GLU A 38 -7.27 -8.58 12.71
N LYS A 39 -7.10 -9.60 13.53
CA LYS A 39 -6.98 -9.42 14.97
C LYS A 39 -5.54 -9.67 15.43
N PRO A 40 -4.69 -8.65 15.25
CA PRO A 40 -3.28 -8.73 15.65
C PRO A 40 -3.09 -8.75 17.16
N SER A 41 -2.73 -9.92 17.68
CA SER A 41 -2.52 -10.08 19.12
C SER A 41 -1.12 -9.64 19.52
N GLY A 42 -1.04 -8.75 20.51
CA GLY A 42 0.25 -8.26 20.96
C GLY A 42 0.39 -6.77 20.79
N PRO A 43 0.83 -6.35 19.59
CA PRO A 43 1.02 -4.94 19.27
C PRO A 43 -0.30 -4.18 19.17
N SER A 44 -1.40 -4.87 19.45
CA SER A 44 -2.72 -4.26 19.38
C SER A 44 -2.67 -2.80 19.84
N SER A 45 -2.02 -2.57 20.96
CA SER A 45 -1.90 -1.22 21.51
C SER A 45 -0.57 -0.59 21.11
N GLY A 46 -0.62 0.38 20.20
CA GLY A 46 0.58 1.04 19.74
C GLY A 46 0.52 2.54 19.94
ZN ZN B . 0.82 -3.99 2.36
N GLY A 1 31.48 -2.27 -12.19
CA GLY A 1 30.75 -3.36 -12.82
C GLY A 1 29.27 -3.30 -12.52
N SER A 2 28.67 -2.12 -12.69
CA SER A 2 27.25 -1.94 -12.42
C SER A 2 26.41 -2.47 -13.58
N SER A 3 26.17 -3.78 -13.57
CA SER A 3 25.39 -4.42 -14.63
C SER A 3 24.16 -5.12 -14.04
N GLY A 4 23.04 -4.41 -14.02
CA GLY A 4 21.82 -4.98 -13.48
C GLY A 4 20.65 -4.00 -13.56
N SER A 5 20.35 -3.54 -14.76
CA SER A 5 19.25 -2.61 -14.97
C SER A 5 18.26 -3.15 -16.00
N SER A 6 16.99 -3.18 -15.62
CA SER A 6 15.94 -3.68 -16.51
C SER A 6 14.56 -3.44 -15.92
N GLY A 7 13.57 -3.27 -16.78
CA GLY A 7 12.21 -3.03 -16.32
C GLY A 7 11.57 -1.84 -17.01
N THR A 8 10.24 -1.77 -16.93
CA THR A 8 9.50 -0.67 -17.55
C THR A 8 8.58 0.01 -16.54
N GLY A 9 8.57 1.34 -16.57
CA GLY A 9 7.74 2.10 -15.66
C GLY A 9 8.53 3.06 -14.81
N GLU A 10 7.88 4.14 -14.36
CA GLU A 10 8.54 5.14 -13.53
C GLU A 10 7.95 5.15 -12.13
N ARG A 11 6.62 5.18 -12.05
CA ARG A 11 5.93 5.20 -10.76
C ARG A 11 4.96 4.04 -10.65
N HIS A 12 4.77 3.54 -9.43
CA HIS A 12 3.86 2.43 -9.19
C HIS A 12 3.13 2.61 -7.86
N TYR A 13 2.07 1.82 -7.67
CA TYR A 13 1.28 1.90 -6.44
C TYR A 13 1.91 1.05 -5.33
N GLU A 14 2.43 1.73 -4.31
CA GLU A 14 3.06 1.03 -3.20
C GLU A 14 2.14 1.02 -1.98
N CYS A 15 2.10 -0.12 -1.29
CA CYS A 15 1.26 -0.26 -0.10
C CYS A 15 1.71 0.70 1.00
N SER A 16 0.80 1.58 1.42
CA SER A 16 1.10 2.56 2.46
C SER A 16 0.90 1.95 3.84
N GLU A 17 1.06 0.63 3.94
CA GLU A 17 0.89 -0.08 5.20
C GLU A 17 2.17 -0.80 5.60
N CYS A 18 2.81 -1.44 4.62
CA CYS A 18 4.05 -2.18 4.87
C CYS A 18 5.16 -1.69 3.94
N GLY A 19 4.84 -1.61 2.65
CA GLY A 19 5.83 -1.17 1.67
C GLY A 19 6.01 -2.15 0.53
N LYS A 20 4.90 -2.49 -0.12
CA LYS A 20 4.94 -3.43 -1.24
C LYS A 20 4.58 -2.72 -2.56
N ALA A 21 5.40 -2.95 -3.57
CA ALA A 21 5.17 -2.35 -4.88
C ALA A 21 4.30 -3.24 -5.75
N PHE A 22 3.40 -2.62 -6.52
CA PHE A 22 2.50 -3.34 -7.40
C PHE A 22 2.50 -2.74 -8.80
N ILE A 23 1.66 -3.30 -9.68
CA ILE A 23 1.55 -2.81 -11.05
C ILE A 23 0.28 -2.01 -11.25
N GLN A 24 -0.83 -2.53 -10.75
CA GLN A 24 -2.13 -1.87 -10.87
C GLN A 24 -2.78 -1.70 -9.51
N LYS A 25 -3.58 -0.64 -9.37
CA LYS A 25 -4.27 -0.36 -8.12
C LYS A 25 -5.03 -1.59 -7.63
N SER A 26 -5.70 -2.28 -8.55
CA SER A 26 -6.46 -3.48 -8.20
C SER A 26 -5.56 -4.52 -7.55
N THR A 27 -4.44 -4.82 -8.21
CA THR A 27 -3.50 -5.80 -7.69
C THR A 27 -3.07 -5.47 -6.27
N LEU A 28 -2.90 -4.17 -6.00
CA LEU A 28 -2.50 -3.71 -4.68
C LEU A 28 -3.59 -3.95 -3.65
N SER A 29 -4.79 -3.46 -3.95
CA SER A 29 -5.92 -3.62 -3.04
C SER A 29 -6.02 -5.05 -2.54
N MET A 30 -5.92 -6.01 -3.46
CA MET A 30 -5.99 -7.43 -3.11
C MET A 30 -5.07 -7.74 -1.93
N HIS A 31 -3.94 -7.03 -1.87
CA HIS A 31 -2.96 -7.24 -0.80
C HIS A 31 -3.32 -6.39 0.42
N GLN A 32 -3.42 -5.08 0.21
CA GLN A 32 -3.75 -4.16 1.30
C GLN A 32 -4.80 -4.77 2.23
N ARG A 33 -5.60 -5.68 1.69
CA ARG A 33 -6.64 -6.34 2.48
C ARG A 33 -6.07 -6.90 3.77
N ILE A 34 -4.92 -7.57 3.67
CA ILE A 34 -4.28 -8.16 4.84
C ILE A 34 -4.11 -7.13 5.95
N HIS A 35 -4.13 -5.86 5.58
CA HIS A 35 -3.98 -4.78 6.54
C HIS A 35 -5.34 -4.34 7.09
N ARG A 36 -6.35 -5.20 6.90
CA ARG A 36 -7.69 -4.91 7.37
C ARG A 36 -8.27 -6.10 8.12
N GLY A 37 -7.95 -7.30 7.67
CA GLY A 37 -8.45 -8.51 8.30
C GLY A 37 -7.82 -8.74 9.67
N GLU A 38 -6.61 -9.27 9.68
CA GLU A 38 -5.91 -9.54 10.93
C GLU A 38 -4.52 -8.89 10.94
N LYS A 39 -3.88 -8.90 12.09
CA LYS A 39 -2.56 -8.31 12.23
C LYS A 39 -1.62 -9.24 12.99
N PRO A 40 -0.32 -9.18 12.66
CA PRO A 40 0.70 -10.01 13.30
C PRO A 40 0.95 -9.61 14.75
N SER A 41 0.55 -8.40 15.10
CA SER A 41 0.73 -7.89 16.45
C SER A 41 -0.15 -8.65 17.45
N GLY A 42 0.48 -9.37 18.36
CA GLY A 42 -0.26 -10.13 19.36
C GLY A 42 0.25 -9.91 20.76
N PRO A 43 -0.61 -10.18 21.76
CA PRO A 43 -0.27 -10.01 23.17
C PRO A 43 0.77 -11.04 23.64
N SER A 44 1.91 -10.55 24.11
CA SER A 44 2.97 -11.43 24.59
C SER A 44 2.61 -12.01 25.95
N SER A 45 3.17 -13.19 26.25
CA SER A 45 2.91 -13.86 27.51
C SER A 45 3.86 -13.36 28.60
N GLY A 46 3.36 -12.47 29.45
CA GLY A 46 4.17 -11.93 30.52
C GLY A 46 3.48 -10.79 31.25
ZN ZN B . 0.91 -3.97 2.77
N GLY A 1 11.75 25.85 7.57
CA GLY A 1 10.92 25.24 6.54
C GLY A 1 11.25 23.77 6.34
N SER A 2 10.35 22.90 6.77
CA SER A 2 10.54 21.46 6.65
C SER A 2 9.88 20.94 5.37
N SER A 3 10.02 21.68 4.29
CA SER A 3 9.42 21.30 3.02
C SER A 3 9.89 19.90 2.60
N GLY A 4 9.07 18.90 2.86
CA GLY A 4 9.42 17.54 2.52
C GLY A 4 8.39 16.54 2.99
N SER A 5 7.16 16.66 2.50
CA SER A 5 6.08 15.77 2.88
C SER A 5 5.76 14.78 1.76
N SER A 6 5.49 15.32 0.58
CA SER A 6 5.16 14.49 -0.58
C SER A 6 6.32 14.46 -1.57
N GLY A 7 6.89 15.63 -1.82
CA GLY A 7 8.01 15.72 -2.75
C GLY A 7 7.82 14.85 -3.97
N THR A 8 8.77 13.95 -4.21
CA THR A 8 8.71 13.06 -5.37
C THR A 8 7.28 12.55 -5.58
N GLY A 9 6.68 12.94 -6.71
CA GLY A 9 5.34 12.51 -7.01
C GLY A 9 5.20 11.01 -7.11
N GLU A 10 4.16 10.45 -6.50
CA GLU A 10 3.93 9.01 -6.52
C GLU A 10 3.52 8.55 -7.91
N ARG A 11 4.09 7.42 -8.34
CA ARG A 11 3.79 6.87 -9.65
C ARG A 11 3.33 5.41 -9.54
N HIS A 12 4.14 4.59 -8.88
CA HIS A 12 3.81 3.18 -8.70
C HIS A 12 2.87 2.99 -7.50
N TYR A 13 1.87 2.13 -7.68
CA TYR A 13 0.91 1.85 -6.63
C TYR A 13 1.54 1.01 -5.52
N GLU A 14 2.25 1.67 -4.61
CA GLU A 14 2.90 0.98 -3.50
C GLU A 14 2.02 1.03 -2.25
N CYS A 15 2.15 0.00 -1.42
CA CYS A 15 1.37 -0.08 -0.18
C CYS A 15 1.95 0.85 0.88
N SER A 16 1.15 1.82 1.31
CA SER A 16 1.58 2.78 2.33
C SER A 16 1.32 2.24 3.73
N GLU A 17 1.42 0.92 3.88
CA GLU A 17 1.19 0.29 5.17
C GLU A 17 2.41 -0.52 5.60
N CYS A 18 2.88 -1.40 4.71
CA CYS A 18 4.04 -2.23 5.00
C CYS A 18 5.24 -1.79 4.17
N GLY A 19 5.04 -1.66 2.86
CA GLY A 19 6.11 -1.25 1.98
C GLY A 19 6.24 -2.15 0.76
N LYS A 20 5.10 -2.49 0.17
CA LYS A 20 5.09 -3.35 -1.02
C LYS A 20 4.82 -2.52 -2.27
N ALA A 21 5.02 -3.14 -3.43
CA ALA A 21 4.79 -2.47 -4.70
C ALA A 21 3.89 -3.31 -5.61
N PHE A 22 3.16 -2.64 -6.50
CA PHE A 22 2.27 -3.32 -7.43
C PHE A 22 2.19 -2.57 -8.76
N ILE A 23 1.98 -3.31 -9.84
CA ILE A 23 1.88 -2.72 -11.17
C ILE A 23 0.51 -2.08 -11.38
N GLN A 24 -0.54 -2.80 -11.02
CA GLN A 24 -1.91 -2.31 -11.17
C GLN A 24 -2.47 -1.84 -9.83
N LYS A 25 -3.35 -0.85 -9.87
CA LYS A 25 -3.96 -0.32 -8.66
C LYS A 25 -4.77 -1.39 -7.94
N SER A 26 -5.59 -2.12 -8.69
CA SER A 26 -6.41 -3.18 -8.12
C SER A 26 -5.56 -4.23 -7.45
N THR A 27 -4.51 -4.68 -8.15
CA THR A 27 -3.60 -5.68 -7.62
C THR A 27 -3.20 -5.36 -6.19
N LEU A 28 -2.98 -4.09 -5.91
CA LEU A 28 -2.59 -3.65 -4.57
C LEU A 28 -3.74 -3.83 -3.58
N SER A 29 -4.94 -3.42 -3.99
CA SER A 29 -6.11 -3.53 -3.14
C SER A 29 -6.26 -4.96 -2.61
N MET A 30 -6.04 -5.94 -3.48
CA MET A 30 -6.15 -7.34 -3.10
C MET A 30 -5.21 -7.67 -1.95
N HIS A 31 -4.09 -6.94 -1.88
CA HIS A 31 -3.10 -7.15 -0.83
C HIS A 31 -3.44 -6.33 0.41
N GLN A 32 -3.71 -5.05 0.19
CA GLN A 32 -4.05 -4.15 1.29
C GLN A 32 -4.94 -4.85 2.32
N ARG A 33 -5.67 -5.86 1.87
CA ARG A 33 -6.55 -6.62 2.75
C ARG A 33 -5.80 -7.12 3.98
N ILE A 34 -4.62 -7.68 3.74
CA ILE A 34 -3.80 -8.21 4.84
C ILE A 34 -3.74 -7.22 6.01
N HIS A 35 -3.99 -5.96 5.71
CA HIS A 35 -3.96 -4.91 6.74
C HIS A 35 -5.35 -4.72 7.34
N ARG A 36 -6.38 -4.82 6.50
CA ARG A 36 -7.76 -4.65 6.96
C ARG A 36 -8.30 -5.96 7.53
N GLY A 37 -7.98 -6.21 8.80
CA GLY A 37 -8.45 -7.43 9.45
C GLY A 37 -9.25 -7.13 10.71
N GLU A 38 -9.35 -8.14 11.57
CA GLU A 38 -10.10 -7.98 12.82
C GLU A 38 -9.47 -6.90 13.70
N LYS A 39 -9.82 -5.65 13.42
CA LYS A 39 -9.28 -4.53 14.20
C LYS A 39 -10.36 -3.47 14.41
N PRO A 40 -10.27 -2.75 15.55
CA PRO A 40 -11.22 -1.70 15.89
C PRO A 40 -11.09 -0.47 15.00
N SER A 41 -12.19 -0.07 14.37
CA SER A 41 -12.20 1.08 13.49
C SER A 41 -13.51 1.85 13.60
N GLY A 42 -13.43 3.17 13.48
CA GLY A 42 -14.62 3.99 13.57
C GLY A 42 -15.36 4.09 12.25
N PRO A 43 -16.69 4.32 12.31
CA PRO A 43 -17.52 4.44 11.12
C PRO A 43 -17.25 5.72 10.34
N SER A 44 -16.32 6.53 10.85
CA SER A 44 -15.97 7.78 10.20
C SER A 44 -15.28 7.52 8.85
N SER A 45 -16.06 7.51 7.79
CA SER A 45 -15.53 7.27 6.45
C SER A 45 -15.57 8.54 5.61
N GLY A 46 -16.77 9.08 5.41
CA GLY A 46 -16.92 10.30 4.63
C GLY A 46 -17.76 10.09 3.39
ZN ZN B . 0.83 -3.80 2.72
N GLY A 1 3.92 22.04 5.69
CA GLY A 1 5.07 22.05 4.80
C GLY A 1 4.83 21.23 3.54
N SER A 2 5.16 21.81 2.39
CA SER A 2 4.97 21.13 1.11
C SER A 2 5.24 19.63 1.25
N SER A 3 4.48 18.84 0.50
CA SER A 3 4.63 17.38 0.54
C SER A 3 4.83 16.82 -0.86
N GLY A 4 5.65 15.79 -0.97
CA GLY A 4 5.91 15.17 -2.26
C GLY A 4 7.37 15.23 -2.64
N SER A 5 8.01 14.07 -2.71
CA SER A 5 9.42 13.99 -3.07
C SER A 5 9.65 12.94 -4.16
N SER A 6 8.77 12.92 -5.15
CA SER A 6 8.88 11.96 -6.24
C SER A 6 9.97 12.37 -7.22
N GLY A 7 10.99 11.53 -7.35
CA GLY A 7 12.08 11.82 -8.25
C GLY A 7 11.87 11.25 -9.64
N THR A 8 12.30 10.00 -9.83
CA THR A 8 12.15 9.33 -11.11
C THR A 8 11.15 8.18 -11.03
N GLY A 9 11.33 7.32 -10.03
CA GLY A 9 10.44 6.20 -9.85
C GLY A 9 9.22 6.55 -9.02
N GLU A 10 8.80 5.62 -8.15
CA GLU A 10 7.64 5.83 -7.30
C GLU A 10 6.40 6.12 -8.13
N ARG A 11 6.20 5.31 -9.16
CA ARG A 11 5.03 5.47 -10.04
C ARG A 11 4.02 4.36 -9.82
N HIS A 12 4.51 3.14 -9.57
CA HIS A 12 3.65 2.00 -9.34
C HIS A 12 3.03 2.06 -7.94
N TYR A 13 1.71 1.97 -7.87
CA TYR A 13 0.99 2.02 -6.61
C TYR A 13 1.78 1.31 -5.52
N GLU A 14 2.12 2.06 -4.46
CA GLU A 14 2.88 1.50 -3.34
C GLU A 14 1.99 1.32 -2.12
N CYS A 15 2.31 0.34 -1.30
CA CYS A 15 1.54 0.06 -0.09
C CYS A 15 2.05 0.90 1.08
N SER A 16 1.13 1.60 1.73
CA SER A 16 1.48 2.44 2.87
C SER A 16 1.36 1.67 4.18
N GLU A 17 1.46 0.35 4.09
CA GLU A 17 1.35 -0.50 5.27
C GLU A 17 2.67 -1.22 5.54
N CYS A 18 3.24 -1.81 4.49
CA CYS A 18 4.50 -2.54 4.61
C CYS A 18 5.54 -1.98 3.64
N GLY A 19 5.09 -1.57 2.46
CA GLY A 19 6.00 -1.03 1.47
C GLY A 19 5.99 -1.81 0.17
N LYS A 20 4.99 -2.68 0.02
CA LYS A 20 4.88 -3.51 -1.18
C LYS A 20 4.40 -2.67 -2.37
N ALA A 21 5.02 -2.90 -3.53
CA ALA A 21 4.66 -2.17 -4.74
C ALA A 21 3.99 -3.10 -5.75
N PHE A 22 2.99 -2.56 -6.46
CA PHE A 22 2.26 -3.33 -7.46
C PHE A 22 2.07 -2.53 -8.74
N ILE A 23 2.44 -3.12 -9.86
CA ILE A 23 2.31 -2.45 -11.15
C ILE A 23 0.88 -1.96 -11.37
N GLN A 24 -0.08 -2.73 -10.87
CA GLN A 24 -1.50 -2.38 -11.01
C GLN A 24 -2.06 -1.88 -9.69
N LYS A 25 -3.22 -1.23 -9.77
CA LYS A 25 -3.87 -0.70 -8.58
C LYS A 25 -4.77 -1.75 -7.93
N SER A 26 -5.29 -2.66 -8.76
CA SER A 26 -6.16 -3.71 -8.27
C SER A 26 -5.39 -4.72 -7.43
N THR A 27 -4.21 -5.10 -7.92
CA THR A 27 -3.36 -6.06 -7.21
C THR A 27 -3.04 -5.59 -5.80
N LEU A 28 -3.00 -4.27 -5.62
CA LEU A 28 -2.72 -3.68 -4.32
C LEU A 28 -3.95 -3.69 -3.42
N SER A 29 -5.09 -3.31 -4.00
CA SER A 29 -6.34 -3.28 -3.26
C SER A 29 -6.66 -4.65 -2.65
N MET A 30 -6.21 -5.69 -3.33
CA MET A 30 -6.44 -7.06 -2.86
C MET A 30 -5.48 -7.41 -1.72
N HIS A 31 -4.37 -6.70 -1.65
CA HIS A 31 -3.37 -6.94 -0.61
C HIS A 31 -3.69 -6.13 0.64
N GLN A 32 -3.94 -4.84 0.46
CA GLN A 32 -4.26 -3.94 1.56
C GLN A 32 -5.26 -4.60 2.52
N ARG A 33 -6.00 -5.57 2.01
CA ARG A 33 -6.99 -6.28 2.81
C ARG A 33 -6.32 -7.10 3.91
N ILE A 34 -5.22 -7.75 3.56
CA ILE A 34 -4.48 -8.56 4.51
C ILE A 34 -3.90 -7.72 5.64
N HIS A 35 -3.83 -6.42 5.41
CA HIS A 35 -3.29 -5.49 6.40
C HIS A 35 -4.37 -5.09 7.40
N ARG A 36 -5.58 -4.87 6.90
CA ARG A 36 -6.69 -4.48 7.76
C ARG A 36 -7.30 -5.70 8.45
N GLY A 37 -7.44 -6.79 7.70
CA GLY A 37 -8.00 -8.01 8.25
C GLY A 37 -7.33 -8.43 9.55
N GLU A 38 -7.91 -9.41 10.22
CA GLU A 38 -7.35 -9.90 11.47
C GLU A 38 -5.93 -10.42 11.27
N LYS A 39 -5.26 -10.71 12.38
CA LYS A 39 -3.89 -11.23 12.32
C LYS A 39 -3.70 -12.36 13.32
N PRO A 40 -2.89 -13.36 12.93
CA PRO A 40 -2.59 -14.53 13.77
C PRO A 40 -1.74 -14.17 14.97
N SER A 41 -2.31 -14.31 16.17
CA SER A 41 -1.59 -14.01 17.40
C SER A 41 -0.68 -15.16 17.80
N GLY A 42 -1.27 -16.34 17.96
CA GLY A 42 -0.49 -17.51 18.35
C GLY A 42 -1.20 -18.81 18.04
N PRO A 43 -1.08 -19.25 16.77
CA PRO A 43 -1.71 -20.50 16.32
C PRO A 43 -1.07 -21.74 16.93
N SER A 44 -1.89 -22.71 17.29
CA SER A 44 -1.41 -23.95 17.90
C SER A 44 -0.83 -24.88 16.83
N SER A 45 0.49 -24.90 16.73
CA SER A 45 1.18 -25.73 15.75
C SER A 45 1.36 -27.15 16.29
N GLY A 46 1.81 -27.25 17.54
CA GLY A 46 2.02 -28.55 18.15
C GLY A 46 2.70 -29.53 17.21
ZN ZN B . 1.36 -3.95 2.50
N GLY A 1 6.60 27.81 -16.40
CA GLY A 1 6.06 29.16 -16.27
C GLY A 1 4.65 29.27 -16.79
N SER A 2 4.38 28.62 -17.91
CA SER A 2 3.05 28.65 -18.52
C SER A 2 2.25 27.41 -18.15
N SER A 3 1.52 27.48 -17.04
CA SER A 3 0.71 26.36 -16.58
C SER A 3 1.54 25.08 -16.53
N GLY A 4 2.78 25.20 -16.05
CA GLY A 4 3.65 24.05 -15.95
C GLY A 4 3.44 23.27 -14.67
N SER A 5 2.19 22.92 -14.38
CA SER A 5 1.86 22.17 -13.19
C SER A 5 1.45 20.74 -13.53
N SER A 6 2.17 20.14 -14.47
CA SER A 6 1.89 18.77 -14.89
C SER A 6 1.89 17.82 -13.70
N GLY A 7 0.70 17.42 -13.27
CA GLY A 7 0.59 16.52 -12.13
C GLY A 7 -0.27 15.31 -12.44
N THR A 8 0.37 14.16 -12.63
CA THR A 8 -0.34 12.93 -12.94
C THR A 8 0.33 11.72 -12.28
N GLY A 9 -0.48 10.83 -11.72
CA GLY A 9 0.05 9.66 -11.05
C GLY A 9 0.70 8.69 -12.03
N GLU A 10 2.03 8.61 -11.99
CA GLU A 10 2.77 7.73 -12.88
C GLU A 10 3.56 6.69 -12.08
N ARG A 11 4.07 7.11 -10.93
CA ARG A 11 4.85 6.23 -10.08
C ARG A 11 4.01 5.06 -9.58
N HIS A 12 4.51 3.85 -9.76
CA HIS A 12 3.80 2.65 -9.33
C HIS A 12 3.26 2.81 -7.91
N TYR A 13 2.13 2.18 -7.64
CA TYR A 13 1.52 2.25 -6.31
C TYR A 13 2.35 1.51 -5.28
N GLU A 14 2.42 2.06 -4.07
CA GLU A 14 3.18 1.46 -2.99
C GLU A 14 2.36 1.41 -1.71
N CYS A 15 2.31 0.23 -1.10
CA CYS A 15 1.57 0.04 0.14
C CYS A 15 2.25 0.74 1.30
N SER A 16 1.59 1.78 1.83
CA SER A 16 2.14 2.55 2.93
C SER A 16 2.17 1.71 4.21
N GLU A 17 1.36 0.65 4.24
CA GLU A 17 1.29 -0.23 5.40
C GLU A 17 2.58 -1.01 5.57
N CYS A 18 2.90 -1.84 4.58
CA CYS A 18 4.11 -2.66 4.62
C CYS A 18 5.21 -2.04 3.75
N GLY A 19 4.83 -1.61 2.55
CA GLY A 19 5.78 -1.01 1.64
C GLY A 19 5.90 -1.77 0.33
N LYS A 20 4.88 -2.58 0.03
CA LYS A 20 4.86 -3.36 -1.21
C LYS A 20 4.67 -2.45 -2.42
N ALA A 21 4.87 -3.01 -3.61
CA ALA A 21 4.70 -2.27 -4.85
C ALA A 21 4.12 -3.13 -5.95
N PHE A 22 3.06 -2.65 -6.58
CA PHE A 22 2.40 -3.38 -7.65
C PHE A 22 2.02 -2.45 -8.80
N ILE A 23 2.17 -2.94 -10.03
CA ILE A 23 1.84 -2.15 -11.21
C ILE A 23 0.33 -1.98 -11.35
N GLN A 24 -0.41 -3.06 -11.09
CA GLN A 24 -1.87 -3.02 -11.19
C GLN A 24 -2.49 -2.55 -9.88
N LYS A 25 -3.22 -1.45 -9.95
CA LYS A 25 -3.87 -0.89 -8.77
C LYS A 25 -4.72 -1.94 -8.07
N SER A 26 -5.42 -2.75 -8.86
CA SER A 26 -6.27 -3.80 -8.31
C SER A 26 -5.46 -4.75 -7.42
N THR A 27 -4.29 -5.14 -7.91
CA THR A 27 -3.42 -6.05 -7.17
C THR A 27 -3.11 -5.50 -5.78
N LEU A 28 -3.05 -4.18 -5.66
CA LEU A 28 -2.77 -3.53 -4.39
C LEU A 28 -3.99 -3.57 -3.48
N SER A 29 -5.12 -3.11 -3.99
CA SER A 29 -6.36 -3.09 -3.23
C SER A 29 -6.65 -4.47 -2.64
N MET A 30 -6.37 -5.51 -3.40
CA MET A 30 -6.60 -6.88 -2.95
C MET A 30 -5.52 -7.31 -1.97
N HIS A 31 -4.42 -6.57 -1.94
CA HIS A 31 -3.32 -6.89 -1.03
C HIS A 31 -3.50 -6.19 0.32
N GLN A 32 -3.80 -4.90 0.27
CA GLN A 32 -3.99 -4.12 1.49
C GLN A 32 -4.90 -4.86 2.47
N ARG A 33 -5.74 -5.75 1.93
CA ARG A 33 -6.65 -6.52 2.76
C ARG A 33 -5.91 -7.20 3.91
N ILE A 34 -4.74 -7.73 3.62
CA ILE A 34 -3.93 -8.41 4.63
C ILE A 34 -3.69 -7.51 5.83
N HIS A 35 -3.90 -6.21 5.64
CA HIS A 35 -3.71 -5.24 6.72
C HIS A 35 -5.04 -4.92 7.40
N ARG A 36 -6.11 -4.94 6.63
CA ARG A 36 -7.45 -4.66 7.15
C ARG A 36 -8.04 -5.88 7.83
N GLY A 37 -7.67 -6.11 9.09
CA GLY A 37 -8.18 -7.25 9.83
C GLY A 37 -9.04 -6.85 11.00
N GLU A 38 -9.65 -7.84 11.66
CA GLU A 38 -10.50 -7.57 12.81
C GLU A 38 -9.96 -6.42 13.64
N LYS A 39 -8.71 -6.54 14.06
CA LYS A 39 -8.08 -5.50 14.88
C LYS A 39 -6.59 -5.38 14.53
N PRO A 40 -6.05 -4.17 14.68
CA PRO A 40 -4.64 -3.90 14.39
C PRO A 40 -3.71 -4.55 15.41
N SER A 41 -2.40 -4.51 15.12
CA SER A 41 -1.41 -5.09 16.01
C SER A 41 -0.62 -4.01 16.73
N GLY A 42 -0.32 -4.25 18.00
CA GLY A 42 0.44 -3.29 18.78
C GLY A 42 1.90 -3.27 18.42
N PRO A 43 2.66 -2.37 19.06
CA PRO A 43 4.10 -2.23 18.82
C PRO A 43 4.90 -3.41 19.34
N SER A 44 5.45 -4.20 18.43
CA SER A 44 6.24 -5.38 18.80
C SER A 44 7.70 -5.18 18.44
N SER A 45 8.56 -6.06 18.98
CA SER A 45 9.98 -5.98 18.71
C SER A 45 10.38 -6.91 17.56
N GLY A 46 9.55 -6.92 16.51
CA GLY A 46 9.83 -7.77 15.36
C GLY A 46 9.73 -9.25 15.70
ZN ZN B . 0.80 -4.01 2.36
N GLY A 1 20.84 26.87 -1.30
CA GLY A 1 21.69 25.77 -1.70
C GLY A 1 20.90 24.55 -2.12
N SER A 2 21.36 23.88 -3.17
CA SER A 2 20.67 22.69 -3.68
C SER A 2 21.62 21.50 -3.71
N SER A 3 21.37 20.53 -2.84
CA SER A 3 22.21 19.34 -2.77
C SER A 3 21.44 18.17 -2.17
N GLY A 4 21.82 16.95 -2.55
CA GLY A 4 21.15 15.77 -2.04
C GLY A 4 20.59 14.90 -3.14
N SER A 5 19.33 15.17 -3.52
CA SER A 5 18.67 14.41 -4.57
C SER A 5 17.59 15.24 -5.25
N SER A 6 17.02 14.70 -6.31
CA SER A 6 15.97 15.39 -7.06
C SER A 6 15.22 14.42 -7.96
N GLY A 7 13.92 14.68 -8.15
CA GLY A 7 13.11 13.82 -8.99
C GLY A 7 11.85 13.36 -8.29
N THR A 8 10.70 13.73 -8.82
CA THR A 8 9.42 13.35 -8.24
C THR A 8 9.14 11.86 -8.44
N GLY A 9 8.27 11.31 -7.61
CA GLY A 9 7.94 9.90 -7.70
C GLY A 9 6.49 9.66 -8.05
N GLU A 10 5.73 9.16 -7.08
CA GLU A 10 4.31 8.89 -7.28
C GLU A 10 4.06 8.32 -8.66
N ARG A 11 4.92 7.39 -9.08
CA ARG A 11 4.80 6.76 -10.39
C ARG A 11 3.95 5.49 -10.31
N HIS A 12 4.42 4.53 -9.52
CA HIS A 12 3.71 3.27 -9.35
C HIS A 12 2.96 3.23 -8.02
N TYR A 13 2.09 2.24 -7.86
CA TYR A 13 1.32 2.11 -6.63
C TYR A 13 2.11 1.36 -5.57
N GLU A 14 2.04 1.86 -4.33
CA GLU A 14 2.75 1.24 -3.22
C GLU A 14 1.87 1.16 -1.98
N CYS A 15 2.00 0.07 -1.24
CA CYS A 15 1.21 -0.13 -0.03
C CYS A 15 1.75 0.72 1.11
N SER A 16 0.91 1.64 1.60
CA SER A 16 1.31 2.52 2.70
C SER A 16 1.03 1.87 4.05
N GLU A 17 1.29 0.57 4.14
CA GLU A 17 1.07 -0.17 5.37
C GLU A 17 2.31 -0.99 5.75
N CYS A 18 2.88 -1.67 4.75
CA CYS A 18 4.07 -2.48 4.97
C CYS A 18 5.24 -1.98 4.14
N GLY A 19 5.00 -1.75 2.85
CA GLY A 19 6.04 -1.27 1.98
C GLY A 19 6.21 -2.15 0.74
N LYS A 20 5.16 -2.26 -0.05
CA LYS A 20 5.20 -3.07 -1.26
C LYS A 20 4.84 -2.24 -2.49
N ALA A 21 5.03 -2.82 -3.67
CA ALA A 21 4.74 -2.12 -4.91
C ALA A 21 4.10 -3.08 -5.93
N PHE A 22 3.04 -2.61 -6.58
CA PHE A 22 2.33 -3.41 -7.58
C PHE A 22 2.14 -2.63 -8.87
N ILE A 23 2.22 -3.33 -10.00
CA ILE A 23 2.04 -2.70 -11.30
C ILE A 23 0.61 -2.21 -11.49
N GLN A 24 -0.35 -3.03 -11.06
CA GLN A 24 -1.76 -2.67 -11.19
C GLN A 24 -2.32 -2.19 -9.85
N LYS A 25 -3.16 -1.17 -9.90
CA LYS A 25 -3.77 -0.61 -8.70
C LYS A 25 -4.65 -1.63 -8.00
N SER A 26 -5.66 -2.12 -8.73
CA SER A 26 -6.58 -3.11 -8.18
C SER A 26 -5.82 -4.25 -7.51
N THR A 27 -4.70 -4.64 -8.12
CA THR A 27 -3.88 -5.72 -7.59
C THR A 27 -3.42 -5.43 -6.17
N LEU A 28 -3.05 -4.17 -5.92
CA LEU A 28 -2.59 -3.76 -4.60
C LEU A 28 -3.72 -3.88 -3.57
N SER A 29 -4.90 -3.40 -3.94
CA SER A 29 -6.06 -3.45 -3.05
C SER A 29 -6.27 -4.86 -2.51
N MET A 30 -6.12 -5.85 -3.38
CA MET A 30 -6.29 -7.24 -2.98
C MET A 30 -5.29 -7.62 -1.89
N HIS A 31 -4.21 -6.86 -1.80
CA HIS A 31 -3.18 -7.11 -0.79
C HIS A 31 -3.46 -6.32 0.49
N GLN A 32 -3.58 -5.01 0.36
CA GLN A 32 -3.84 -4.14 1.49
C GLN A 32 -4.81 -4.81 2.47
N ARG A 33 -5.66 -5.68 1.94
CA ARG A 33 -6.63 -6.38 2.77
C ARG A 33 -5.97 -7.03 3.98
N ILE A 34 -4.85 -7.72 3.73
CA ILE A 34 -4.12 -8.38 4.81
C ILE A 34 -3.92 -7.45 5.99
N HIS A 35 -3.98 -6.14 5.73
CA HIS A 35 -3.81 -5.15 6.79
C HIS A 35 -5.15 -4.81 7.43
N ARG A 36 -6.21 -4.86 6.64
CA ARG A 36 -7.55 -4.55 7.13
C ARG A 36 -7.89 -5.39 8.36
N GLY A 37 -7.90 -4.75 9.52
CA GLY A 37 -8.21 -5.46 10.75
C GLY A 37 -9.63 -5.99 10.77
N GLU A 38 -9.86 -7.01 11.58
CA GLU A 38 -11.18 -7.62 11.69
C GLU A 38 -11.69 -7.57 13.14
N LYS A 39 -10.81 -7.90 14.07
CA LYS A 39 -11.16 -7.89 15.49
C LYS A 39 -11.62 -6.50 15.93
N PRO A 40 -12.59 -6.47 16.85
CA PRO A 40 -13.14 -5.22 17.37
C PRO A 40 -12.14 -4.47 18.25
N SER A 41 -10.98 -5.07 18.47
CA SER A 41 -9.94 -4.47 19.29
C SER A 41 -8.89 -3.78 18.42
N GLY A 42 -8.02 -3.01 19.06
CA GLY A 42 -6.98 -2.31 18.34
C GLY A 42 -7.15 -0.80 18.40
N PRO A 43 -6.67 -0.19 19.48
CA PRO A 43 -6.75 1.26 19.68
C PRO A 43 -5.85 2.03 18.73
N SER A 44 -6.06 3.35 18.65
CA SER A 44 -5.27 4.20 17.77
C SER A 44 -3.81 4.25 18.22
N SER A 45 -2.98 3.40 17.61
CA SER A 45 -1.57 3.34 17.94
C SER A 45 -0.98 4.75 18.11
N GLY A 46 -0.65 5.10 19.34
CA GLY A 46 -0.08 6.41 19.61
C GLY A 46 1.17 6.34 20.46
ZN ZN B . 0.88 -3.96 2.77
N GLY A 1 17.40 15.89 6.67
CA GLY A 1 16.54 15.31 5.67
C GLY A 1 17.31 14.72 4.51
N SER A 2 16.75 13.69 3.88
CA SER A 2 17.40 13.03 2.74
C SER A 2 16.71 13.41 1.44
N SER A 3 17.50 13.50 0.37
CA SER A 3 16.97 13.86 -0.94
C SER A 3 17.72 13.11 -2.05
N GLY A 4 17.00 12.75 -3.10
CA GLY A 4 17.61 12.05 -4.21
C GLY A 4 16.83 10.82 -4.62
N SER A 5 15.53 11.00 -4.85
CA SER A 5 14.66 9.90 -5.24
C SER A 5 13.77 10.29 -6.41
N SER A 6 14.36 10.99 -7.38
CA SER A 6 13.62 11.43 -8.56
C SER A 6 14.41 11.17 -9.83
N GLY A 7 13.75 11.31 -10.97
CA GLY A 7 14.40 11.09 -12.25
C GLY A 7 14.58 9.61 -12.56
N THR A 8 14.48 9.25 -13.83
CA THR A 8 14.62 7.86 -14.25
C THR A 8 13.99 6.91 -13.23
N GLY A 9 12.82 7.29 -12.72
CA GLY A 9 12.13 6.46 -11.76
C GLY A 9 11.02 5.65 -12.38
N GLU A 10 10.36 4.82 -11.56
CA GLU A 10 9.27 3.98 -12.04
C GLU A 10 7.99 4.24 -11.26
N ARG A 11 6.94 4.64 -11.97
CA ARG A 11 5.66 4.93 -11.32
C ARG A 11 4.89 3.64 -11.04
N HIS A 12 4.23 3.59 -9.89
CA HIS A 12 3.46 2.42 -9.49
C HIS A 12 2.71 2.67 -8.20
N TYR A 13 1.89 1.70 -7.79
CA TYR A 13 1.11 1.83 -6.56
C TYR A 13 1.76 1.05 -5.43
N GLU A 14 2.34 1.78 -4.48
CA GLU A 14 3.00 1.17 -3.34
C GLU A 14 2.07 1.14 -2.12
N CYS A 15 1.96 -0.02 -1.50
CA CYS A 15 1.11 -0.19 -0.32
C CYS A 15 1.52 0.77 0.78
N SER A 16 0.60 1.65 1.17
CA SER A 16 0.88 2.63 2.22
C SER A 16 0.64 2.02 3.60
N GLU A 17 0.97 0.74 3.74
CA GLU A 17 0.78 0.03 5.00
C GLU A 17 2.06 -0.68 5.41
N CYS A 18 2.66 -1.41 4.46
CA CYS A 18 3.89 -2.14 4.72
C CYS A 18 5.02 -1.66 3.82
N GLY A 19 4.72 -1.55 2.53
CA GLY A 19 5.72 -1.10 1.58
C GLY A 19 5.95 -2.08 0.45
N LYS A 20 4.90 -2.32 -0.34
CA LYS A 20 4.97 -3.25 -1.45
C LYS A 20 4.56 -2.57 -2.76
N ALA A 21 5.36 -2.75 -3.80
CA ALA A 21 5.07 -2.15 -5.10
C ALA A 21 4.23 -3.10 -5.95
N PHE A 22 3.29 -2.53 -6.69
CA PHE A 22 2.42 -3.32 -7.56
C PHE A 22 2.29 -2.67 -8.94
N ILE A 23 2.34 -3.51 -9.98
CA ILE A 23 2.22 -3.02 -11.35
C ILE A 23 0.89 -2.32 -11.58
N GLN A 24 -0.15 -2.80 -10.91
CA GLN A 24 -1.48 -2.22 -11.04
C GLN A 24 -1.98 -1.71 -9.69
N LYS A 25 -3.07 -0.95 -9.73
CA LYS A 25 -3.66 -0.40 -8.51
C LYS A 25 -4.53 -1.43 -7.80
N SER A 26 -5.46 -2.02 -8.56
CA SER A 26 -6.36 -3.03 -8.00
C SER A 26 -5.57 -4.14 -7.30
N THR A 27 -4.50 -4.59 -7.94
CA THR A 27 -3.66 -5.64 -7.37
C THR A 27 -3.30 -5.34 -5.92
N LEU A 28 -2.99 -4.07 -5.64
CA LEU A 28 -2.63 -3.66 -4.30
C LEU A 28 -3.81 -3.78 -3.35
N SER A 29 -4.96 -3.25 -3.78
CA SER A 29 -6.17 -3.29 -2.96
C SER A 29 -6.42 -4.70 -2.44
N MET A 30 -6.17 -5.70 -3.29
CA MET A 30 -6.36 -7.09 -2.91
C MET A 30 -5.40 -7.50 -1.81
N HIS A 31 -4.22 -6.88 -1.80
CA HIS A 31 -3.21 -7.18 -0.80
C HIS A 31 -3.53 -6.46 0.52
N GLN A 32 -3.77 -5.17 0.43
CA GLN A 32 -4.08 -4.37 1.61
C GLN A 32 -5.03 -5.12 2.54
N ARG A 33 -5.78 -6.06 1.98
CA ARG A 33 -6.73 -6.84 2.76
C ARG A 33 -6.05 -7.42 4.01
N ILE A 34 -4.82 -7.89 3.85
CA ILE A 34 -4.07 -8.47 4.96
C ILE A 34 -3.91 -7.46 6.09
N HIS A 35 -3.96 -6.18 5.74
CA HIS A 35 -3.82 -5.12 6.74
C HIS A 35 -5.15 -4.85 7.44
N ARG A 36 -6.24 -4.97 6.68
CA ARG A 36 -7.58 -4.73 7.22
C ARG A 36 -8.34 -6.04 7.38
N GLY A 37 -8.24 -6.63 8.57
CA GLY A 37 -8.93 -7.89 8.83
C GLY A 37 -9.58 -7.93 10.20
N GLU A 38 -9.72 -9.12 10.74
CA GLU A 38 -10.33 -9.30 12.05
C GLU A 38 -9.77 -8.29 13.05
N LYS A 39 -10.53 -8.03 14.11
CA LYS A 39 -10.10 -7.09 15.14
C LYS A 39 -9.44 -7.82 16.31
N PRO A 40 -8.41 -7.19 16.90
CA PRO A 40 -7.68 -7.76 18.04
C PRO A 40 -8.53 -7.78 19.31
N SER A 41 -9.59 -6.99 19.33
CA SER A 41 -10.48 -6.92 20.49
C SER A 41 -11.86 -7.47 20.15
N GLY A 42 -12.00 -8.78 20.25
CA GLY A 42 -13.28 -9.41 19.95
C GLY A 42 -13.20 -10.93 19.99
N PRO A 43 -12.75 -11.53 18.89
CA PRO A 43 -12.62 -12.99 18.79
C PRO A 43 -11.51 -13.54 19.66
N SER A 44 -11.30 -14.86 19.60
CA SER A 44 -10.26 -15.50 20.40
C SER A 44 -8.88 -15.24 19.80
N SER A 45 -7.86 -15.27 20.66
CA SER A 45 -6.49 -15.04 20.21
C SER A 45 -5.85 -16.33 19.75
N GLY A 46 -5.16 -16.27 18.60
CA GLY A 46 -4.50 -17.44 18.07
C GLY A 46 -4.46 -17.44 16.56
ZN ZN B . 0.70 -3.91 2.66
N GLY A 1 21.08 24.91 1.53
CA GLY A 1 21.24 23.48 1.44
C GLY A 1 19.92 22.74 1.56
N SER A 2 19.60 21.94 0.54
CA SER A 2 18.36 21.18 0.54
C SER A 2 18.44 20.00 -0.44
N SER A 3 17.53 19.05 -0.30
CA SER A 3 17.51 17.88 -1.16
C SER A 3 16.28 17.90 -2.06
N GLY A 4 16.49 17.64 -3.34
CA GLY A 4 15.39 17.63 -4.30
C GLY A 4 15.09 16.24 -4.84
N SER A 5 14.69 16.18 -6.10
CA SER A 5 14.37 14.90 -6.73
C SER A 5 14.43 15.02 -8.26
N SER A 6 14.26 13.89 -8.94
CA SER A 6 14.29 13.88 -10.39
C SER A 6 13.00 13.27 -10.95
N GLY A 7 12.82 13.38 -12.27
CA GLY A 7 11.63 12.84 -12.90
C GLY A 7 11.81 11.40 -13.34
N THR A 8 11.70 10.48 -12.38
CA THR A 8 11.85 9.06 -12.67
C THR A 8 10.50 8.37 -12.82
N GLY A 9 10.37 7.52 -13.82
CA GLY A 9 9.13 6.81 -14.06
C GLY A 9 8.77 5.87 -12.91
N GLU A 10 8.57 4.61 -13.24
CA GLU A 10 8.23 3.60 -12.24
C GLU A 10 7.00 4.04 -11.43
N ARG A 11 6.04 4.66 -12.12
CA ARG A 11 4.83 5.13 -11.47
C ARG A 11 3.92 3.96 -11.09
N HIS A 12 4.24 3.31 -9.97
CA HIS A 12 3.45 2.18 -9.51
C HIS A 12 2.80 2.49 -8.17
N TYR A 13 1.81 1.67 -7.80
CA TYR A 13 1.09 1.87 -6.54
C TYR A 13 1.76 1.11 -5.40
N GLU A 14 2.16 1.86 -4.37
CA GLU A 14 2.82 1.25 -3.21
C GLU A 14 1.85 1.12 -2.05
N CYS A 15 2.04 0.07 -1.25
CA CYS A 15 1.18 -0.18 -0.10
C CYS A 15 1.57 0.71 1.08
N SER A 16 0.62 1.49 1.58
CA SER A 16 0.87 2.39 2.70
C SER A 16 0.71 1.65 4.02
N GLU A 17 1.01 0.37 4.03
CA GLU A 17 0.90 -0.44 5.23
C GLU A 17 2.22 -1.15 5.54
N CYS A 18 2.77 -1.83 4.53
CA CYS A 18 4.03 -2.55 4.69
C CYS A 18 5.13 -1.91 3.86
N GLY A 19 4.85 -1.70 2.57
CA GLY A 19 5.83 -1.10 1.69
C GLY A 19 5.99 -1.88 0.39
N LYS A 20 4.94 -2.56 -0.02
CA LYS A 20 4.97 -3.34 -1.25
C LYS A 20 4.73 -2.46 -2.47
N ALA A 21 5.14 -2.94 -3.63
CA ALA A 21 4.97 -2.20 -4.88
C ALA A 21 4.33 -3.06 -5.95
N PHE A 22 3.19 -2.59 -6.48
CA PHE A 22 2.48 -3.32 -7.52
C PHE A 22 2.24 -2.44 -8.74
N ILE A 23 2.25 -3.04 -9.91
CA ILE A 23 2.04 -2.31 -11.15
C ILE A 23 0.56 -2.03 -11.38
N GLN A 24 -0.29 -2.97 -10.95
CA GLN A 24 -1.73 -2.82 -11.10
C GLN A 24 -2.37 -2.39 -9.79
N LYS A 25 -3.07 -1.25 -9.82
CA LYS A 25 -3.74 -0.74 -8.64
C LYS A 25 -4.56 -1.82 -7.95
N SER A 26 -5.48 -2.43 -8.70
CA SER A 26 -6.32 -3.49 -8.16
C SER A 26 -5.50 -4.51 -7.38
N THR A 27 -4.36 -4.89 -7.95
CA THR A 27 -3.47 -5.86 -7.30
C THR A 27 -3.12 -5.43 -5.89
N LEU A 28 -2.96 -4.12 -5.69
CA LEU A 28 -2.62 -3.58 -4.38
C LEU A 28 -3.82 -3.61 -3.45
N SER A 29 -4.93 -3.04 -3.91
CA SER A 29 -6.15 -3.01 -3.11
C SER A 29 -6.48 -4.40 -2.56
N MET A 30 -6.31 -5.41 -3.39
CA MET A 30 -6.60 -6.79 -2.99
C MET A 30 -5.57 -7.27 -1.98
N HIS A 31 -4.42 -6.60 -1.93
CA HIS A 31 -3.35 -6.96 -1.01
C HIS A 31 -3.53 -6.26 0.33
N GLN A 32 -3.73 -4.95 0.29
CA GLN A 32 -3.92 -4.17 1.51
C GLN A 32 -4.83 -4.89 2.49
N ARG A 33 -5.66 -5.78 1.97
CA ARG A 33 -6.59 -6.54 2.79
C ARG A 33 -5.86 -7.20 3.96
N ILE A 34 -4.68 -7.76 3.68
CA ILE A 34 -3.90 -8.42 4.71
C ILE A 34 -3.68 -7.51 5.90
N HIS A 35 -3.87 -6.21 5.70
CA HIS A 35 -3.69 -5.23 6.77
C HIS A 35 -5.04 -4.84 7.36
N ARG A 36 -6.07 -4.81 6.52
CA ARG A 36 -7.41 -4.45 6.97
C ARG A 36 -8.01 -5.55 7.84
N GLY A 37 -7.82 -6.79 7.41
CA GLY A 37 -8.36 -7.92 8.16
C GLY A 37 -9.84 -8.10 7.96
N GLU A 38 -10.37 -9.23 8.43
CA GLU A 38 -11.80 -9.52 8.29
C GLU A 38 -12.53 -9.25 9.61
N LYS A 39 -12.75 -7.97 9.90
CA LYS A 39 -13.45 -7.58 11.12
C LYS A 39 -14.10 -6.20 10.95
N PRO A 40 -15.24 -6.00 11.63
CA PRO A 40 -15.98 -4.75 11.58
C PRO A 40 -15.25 -3.61 12.28
N SER A 41 -14.38 -2.92 11.54
CA SER A 41 -13.62 -1.82 12.09
C SER A 41 -13.75 -0.58 11.22
N GLY A 42 -13.72 0.60 11.84
CA GLY A 42 -13.83 1.84 11.11
C GLY A 42 -15.27 2.27 10.92
N PRO A 43 -15.47 3.46 10.33
CA PRO A 43 -16.80 4.00 10.08
C PRO A 43 -17.55 3.23 8.99
N SER A 44 -18.77 2.80 9.31
CA SER A 44 -19.58 2.05 8.37
C SER A 44 -19.70 2.79 7.04
N SER A 45 -19.62 2.05 5.94
CA SER A 45 -19.70 2.63 4.61
C SER A 45 -20.86 2.02 3.83
N GLY A 46 -20.91 0.69 3.79
CA GLY A 46 -21.97 0.01 3.07
C GLY A 46 -21.81 0.09 1.57
ZN ZN B . 0.87 -4.22 2.47
N GLY A 1 23.62 21.04 -5.16
CA GLY A 1 23.41 19.60 -5.30
C GLY A 1 22.69 19.24 -6.57
N SER A 2 21.36 19.14 -6.50
CA SER A 2 20.55 18.80 -7.65
C SER A 2 19.25 19.62 -7.67
N SER A 3 18.75 19.88 -8.87
CA SER A 3 17.53 20.66 -9.04
C SER A 3 16.46 19.84 -9.76
N GLY A 4 15.22 19.93 -9.27
CA GLY A 4 14.13 19.20 -9.87
C GLY A 4 13.84 17.89 -9.17
N SER A 5 12.56 17.55 -9.05
CA SER A 5 12.15 16.33 -8.38
C SER A 5 11.51 15.37 -9.37
N SER A 6 11.50 14.08 -9.02
CA SER A 6 10.91 13.06 -9.87
C SER A 6 9.53 13.47 -10.35
N GLY A 7 9.29 13.34 -11.65
CA GLY A 7 7.99 13.71 -12.21
C GLY A 7 6.84 13.13 -11.42
N THR A 8 5.79 13.93 -11.25
CA THR A 8 4.62 13.49 -10.50
C THR A 8 3.87 12.39 -11.24
N GLY A 9 3.23 11.50 -10.49
CA GLY A 9 2.49 10.41 -11.10
C GLY A 9 3.22 9.08 -11.00
N GLU A 10 3.33 8.57 -9.78
CA GLU A 10 4.02 7.30 -9.55
C GLU A 10 3.61 6.27 -10.61
N ARG A 11 4.59 5.82 -11.40
CA ARG A 11 4.34 4.84 -12.45
C ARG A 11 3.64 3.61 -11.88
N HIS A 12 3.81 3.38 -10.58
CA HIS A 12 3.21 2.23 -9.91
C HIS A 12 2.59 2.65 -8.57
N TYR A 13 1.95 1.69 -7.91
CA TYR A 13 1.33 1.96 -6.62
C TYR A 13 1.94 1.09 -5.52
N GLU A 14 2.24 1.71 -4.38
CA GLU A 14 2.83 1.00 -3.26
C GLU A 14 1.85 0.90 -2.10
N CYS A 15 2.04 -0.10 -1.25
CA CYS A 15 1.16 -0.31 -0.09
C CYS A 15 1.57 0.60 1.06
N SER A 16 0.67 1.50 1.44
CA SER A 16 0.93 2.43 2.54
C SER A 16 0.67 1.77 3.89
N GLU A 17 1.07 0.50 4.00
CA GLU A 17 0.88 -0.25 5.24
C GLU A 17 2.17 -0.96 5.64
N CYS A 18 2.81 -1.61 4.67
CA CYS A 18 4.05 -2.32 4.93
C CYS A 18 5.19 -1.77 4.08
N GLY A 19 4.94 -1.63 2.78
CA GLY A 19 5.95 -1.10 1.88
C GLY A 19 6.20 -2.01 0.69
N LYS A 20 5.14 -2.27 -0.08
CA LYS A 20 5.23 -3.12 -1.26
C LYS A 20 5.07 -2.31 -2.54
N ALA A 21 5.27 -2.96 -3.68
CA ALA A 21 5.13 -2.30 -4.97
C ALA A 21 4.40 -3.20 -5.97
N PHE A 22 3.30 -2.68 -6.52
CA PHE A 22 2.51 -3.44 -7.48
C PHE A 22 2.55 -2.77 -8.86
N ILE A 23 1.82 -3.34 -9.81
CA ILE A 23 1.77 -2.80 -11.16
C ILE A 23 0.46 -2.05 -11.41
N GLN A 24 -0.59 -2.47 -10.71
CA GLN A 24 -1.90 -1.84 -10.85
C GLN A 24 -2.53 -1.60 -9.49
N LYS A 25 -3.59 -0.79 -9.47
CA LYS A 25 -4.30 -0.48 -8.23
C LYS A 25 -4.95 -1.73 -7.65
N SER A 26 -5.89 -2.30 -8.39
CA SER A 26 -6.59 -3.50 -7.96
C SER A 26 -5.63 -4.48 -7.30
N THR A 27 -4.65 -4.93 -8.06
CA THR A 27 -3.66 -5.88 -7.56
C THR A 27 -3.20 -5.50 -6.15
N LEU A 28 -2.91 -4.22 -5.95
CA LEU A 28 -2.47 -3.72 -4.66
C LEU A 28 -3.58 -3.85 -3.61
N SER A 29 -4.79 -3.48 -4.01
CA SER A 29 -5.94 -3.54 -3.12
C SER A 29 -6.14 -4.95 -2.57
N MET A 30 -5.97 -5.94 -3.45
CA MET A 30 -6.12 -7.34 -3.07
C MET A 30 -5.17 -7.70 -1.94
N HIS A 31 -4.04 -6.99 -1.87
CA HIS A 31 -3.04 -7.24 -0.83
C HIS A 31 -3.32 -6.38 0.41
N GLN A 32 -3.40 -5.06 0.20
CA GLN A 32 -3.66 -4.14 1.29
C GLN A 32 -4.71 -4.69 2.25
N ARG A 33 -5.64 -5.47 1.70
CA ARG A 33 -6.71 -6.06 2.50
C ARG A 33 -6.13 -6.75 3.74
N ILE A 34 -5.05 -7.49 3.54
CA ILE A 34 -4.41 -8.21 4.63
C ILE A 34 -4.27 -7.32 5.87
N HIS A 35 -4.07 -6.03 5.63
CA HIS A 35 -3.92 -5.07 6.73
C HIS A 35 -5.29 -4.70 7.31
N ARG A 36 -6.30 -4.67 6.45
CA ARG A 36 -7.65 -4.32 6.87
C ARG A 36 -8.38 -5.55 7.42
N GLY A 37 -7.72 -6.26 8.33
CA GLY A 37 -8.32 -7.45 8.92
C GLY A 37 -9.62 -7.15 9.61
N GLU A 38 -9.95 -7.97 10.61
CA GLU A 38 -11.20 -7.79 11.37
C GLU A 38 -10.93 -7.07 12.68
N LYS A 39 -11.65 -5.96 12.91
CA LYS A 39 -11.49 -5.17 14.13
C LYS A 39 -11.60 -6.06 15.36
N PRO A 40 -10.80 -5.74 16.39
CA PRO A 40 -10.80 -6.50 17.64
C PRO A 40 -12.07 -6.31 18.45
N SER A 41 -12.54 -5.07 18.52
CA SER A 41 -13.75 -4.74 19.26
C SER A 41 -14.88 -4.33 18.32
N GLY A 42 -16.09 -4.76 18.62
CA GLY A 42 -17.23 -4.42 17.79
C GLY A 42 -18.42 -5.34 18.03
N PRO A 43 -19.22 -5.00 19.06
CA PRO A 43 -20.41 -5.79 19.41
C PRO A 43 -21.52 -5.68 18.37
N SER A 44 -22.48 -6.59 18.44
CA SER A 44 -23.59 -6.60 17.50
C SER A 44 -24.83 -5.99 18.12
N SER A 45 -25.14 -6.39 19.36
CA SER A 45 -26.30 -5.88 20.06
C SER A 45 -27.57 -6.12 19.26
N GLY A 46 -27.68 -7.30 18.66
CA GLY A 46 -28.84 -7.63 17.86
C GLY A 46 -29.38 -9.01 18.17
ZN ZN B . 0.94 -4.13 2.73
N GLY A 1 20.46 21.45 3.38
CA GLY A 1 20.25 20.12 3.91
C GLY A 1 21.21 19.11 3.33
N SER A 2 20.66 18.08 2.68
CA SER A 2 21.48 17.04 2.07
C SER A 2 21.68 17.30 0.58
N SER A 3 20.57 17.41 -0.14
CA SER A 3 20.61 17.65 -1.58
C SER A 3 21.33 16.51 -2.30
N GLY A 4 21.02 15.28 -1.91
CA GLY A 4 21.65 14.13 -2.52
C GLY A 4 20.68 12.98 -2.75
N SER A 5 19.48 13.31 -3.22
CA SER A 5 18.46 12.31 -3.48
C SER A 5 18.86 11.41 -4.65
N SER A 6 19.44 10.26 -4.33
CA SER A 6 19.86 9.31 -5.35
C SER A 6 18.71 8.93 -6.26
N GLY A 7 17.64 8.40 -5.67
CA GLY A 7 16.48 8.01 -6.44
C GLY A 7 15.97 9.12 -7.33
N THR A 8 15.44 8.74 -8.50
CA THR A 8 14.92 9.73 -9.45
C THR A 8 13.48 10.09 -9.12
N GLY A 9 12.66 9.08 -8.87
CA GLY A 9 11.27 9.31 -8.54
C GLY A 9 10.36 8.19 -9.02
N GLU A 10 9.99 7.30 -8.10
CA GLU A 10 9.13 6.18 -8.44
C GLU A 10 7.66 6.59 -8.43
N ARG A 11 6.93 6.19 -9.47
CA ARG A 11 5.52 6.53 -9.59
C ARG A 11 4.67 5.27 -9.76
N HIS A 12 4.41 4.59 -8.65
CA HIS A 12 3.60 3.37 -8.67
C HIS A 12 2.71 3.29 -7.44
N TYR A 13 1.89 2.24 -7.38
CA TYR A 13 0.99 2.05 -6.26
C TYR A 13 1.64 1.20 -5.17
N GLU A 14 2.29 1.86 -4.22
CA GLU A 14 2.96 1.17 -3.13
C GLU A 14 2.09 1.17 -1.88
N CYS A 15 1.87 -0.01 -1.31
CA CYS A 15 1.06 -0.15 -0.11
C CYS A 15 1.64 0.69 1.03
N SER A 16 0.82 1.61 1.54
CA SER A 16 1.24 2.48 2.62
C SER A 16 1.07 1.78 3.97
N GLU A 17 1.37 0.49 4.01
CA GLU A 17 1.25 -0.30 5.23
C GLU A 17 2.50 -1.12 5.47
N CYS A 18 2.94 -1.83 4.44
CA CYS A 18 4.14 -2.66 4.55
C CYS A 18 5.28 -2.08 3.72
N GLY A 19 4.99 -1.78 2.46
CA GLY A 19 6.01 -1.22 1.59
C GLY A 19 6.20 -2.04 0.32
N LYS A 20 5.09 -2.51 -0.25
CA LYS A 20 5.14 -3.31 -1.47
C LYS A 20 4.63 -2.50 -2.66
N ALA A 21 5.39 -2.54 -3.76
CA ALA A 21 5.01 -1.82 -4.96
C ALA A 21 4.39 -2.75 -5.99
N PHE A 22 3.18 -2.43 -6.42
CA PHE A 22 2.47 -3.24 -7.40
C PHE A 22 2.25 -2.47 -8.69
N ILE A 23 2.29 -3.18 -9.82
CA ILE A 23 2.10 -2.55 -11.13
C ILE A 23 0.63 -2.20 -11.35
N GLN A 24 -0.26 -3.09 -10.93
CA GLN A 24 -1.69 -2.86 -11.10
C GLN A 24 -2.33 -2.45 -9.78
N LYS A 25 -3.14 -1.40 -9.81
CA LYS A 25 -3.82 -0.91 -8.63
C LYS A 25 -4.64 -2.02 -7.96
N SER A 26 -5.37 -2.77 -8.77
CA SER A 26 -6.19 -3.85 -8.26
C SER A 26 -5.38 -4.79 -7.39
N THR A 27 -4.18 -5.13 -7.85
CA THR A 27 -3.29 -6.02 -7.11
C THR A 27 -2.99 -5.47 -5.72
N LEU A 28 -3.04 -4.15 -5.59
CA LEU A 28 -2.78 -3.49 -4.32
C LEU A 28 -4.01 -3.50 -3.43
N SER A 29 -5.08 -2.87 -3.91
CA SER A 29 -6.33 -2.80 -3.17
C SER A 29 -6.70 -4.16 -2.59
N MET A 30 -6.44 -5.21 -3.36
CA MET A 30 -6.75 -6.57 -2.93
C MET A 30 -5.72 -7.06 -1.91
N HIS A 31 -4.51 -6.50 -1.98
CA HIS A 31 -3.45 -6.88 -1.06
C HIS A 31 -3.65 -6.21 0.29
N GLN A 32 -3.92 -4.92 0.28
CA GLN A 32 -4.13 -4.16 1.51
C GLN A 32 -5.02 -4.93 2.48
N ARG A 33 -5.80 -5.87 1.95
CA ARG A 33 -6.69 -6.68 2.77
C ARG A 33 -5.93 -7.33 3.92
N ILE A 34 -4.71 -7.78 3.63
CA ILE A 34 -3.89 -8.43 4.65
C ILE A 34 -3.65 -7.50 5.83
N HIS A 35 -3.90 -6.20 5.63
CA HIS A 35 -3.72 -5.21 6.69
C HIS A 35 -5.04 -4.87 7.35
N ARG A 36 -6.07 -5.66 7.05
CA ARG A 36 -7.40 -5.45 7.63
C ARG A 36 -7.68 -6.46 8.73
N GLY A 37 -7.16 -6.17 9.93
CA GLY A 37 -7.37 -7.07 11.06
C GLY A 37 -8.83 -7.19 11.43
N GLU A 38 -9.09 -7.52 12.70
CA GLU A 38 -10.45 -7.67 13.18
C GLU A 38 -11.14 -6.31 13.32
N LYS A 39 -12.46 -6.33 13.50
CA LYS A 39 -13.22 -5.10 13.65
C LYS A 39 -12.87 -4.10 12.56
N PRO A 40 -12.90 -4.56 11.29
CA PRO A 40 -12.58 -3.71 10.14
C PRO A 40 -13.63 -2.65 9.88
N SER A 41 -14.89 -3.07 9.85
CA SER A 41 -16.00 -2.15 9.61
C SER A 41 -17.33 -2.80 9.95
N GLY A 42 -18.06 -2.19 10.88
CA GLY A 42 -19.36 -2.72 11.29
C GLY A 42 -19.25 -4.14 11.80
N PRO A 43 -18.73 -4.29 13.04
CA PRO A 43 -18.57 -5.60 13.67
C PRO A 43 -19.91 -6.23 14.05
N SER A 44 -20.79 -5.43 14.65
CA SER A 44 -22.10 -5.92 15.07
C SER A 44 -21.99 -7.30 15.71
N SER A 45 -20.98 -7.48 16.54
CA SER A 45 -20.76 -8.76 17.21
C SER A 45 -20.16 -8.55 18.60
N GLY A 46 -20.54 -9.42 19.54
CA GLY A 46 -20.04 -9.30 20.90
C GLY A 46 -18.53 -9.45 20.97
ZN ZN B . 0.70 -4.01 2.50
N GLY A 1 9.55 29.16 -25.80
CA GLY A 1 10.50 28.66 -24.84
C GLY A 1 11.12 27.34 -25.25
N SER A 2 11.40 26.49 -24.27
CA SER A 2 12.02 25.19 -24.54
C SER A 2 11.72 24.21 -23.41
N SER A 3 10.95 23.17 -23.72
CA SER A 3 10.60 22.16 -22.73
C SER A 3 11.00 20.77 -23.21
N GLY A 4 11.33 19.90 -22.26
CA GLY A 4 11.72 18.54 -22.60
C GLY A 4 10.53 17.61 -22.75
N SER A 5 10.67 16.39 -22.24
CA SER A 5 9.61 15.40 -22.32
C SER A 5 9.55 14.56 -21.05
N SER A 6 8.40 13.93 -20.82
CA SER A 6 8.21 13.10 -19.64
C SER A 6 7.79 11.69 -20.03
N GLY A 7 8.68 10.73 -19.79
CA GLY A 7 8.38 9.34 -20.13
C GLY A 7 9.54 8.41 -19.85
N THR A 8 10.18 8.60 -18.71
CA THR A 8 11.32 7.77 -18.32
C THR A 8 11.03 7.01 -17.04
N GLY A 9 10.71 7.74 -15.97
CA GLY A 9 10.42 7.12 -14.70
C GLY A 9 8.94 6.88 -14.49
N GLU A 10 8.61 5.86 -13.71
CA GLU A 10 7.21 5.53 -13.44
C GLU A 10 6.99 5.33 -11.94
N ARG A 11 5.79 5.67 -11.48
CA ARG A 11 5.43 5.53 -10.07
C ARG A 11 4.32 4.50 -9.89
N HIS A 12 4.70 3.29 -9.49
CA HIS A 12 3.73 2.21 -9.28
C HIS A 12 2.95 2.44 -7.99
N TYR A 13 1.86 1.70 -7.83
CA TYR A 13 1.02 1.81 -6.64
C TYR A 13 1.61 1.02 -5.48
N GLU A 14 2.30 1.71 -4.59
CA GLU A 14 2.91 1.06 -3.43
C GLU A 14 1.99 1.13 -2.21
N CYS A 15 1.92 0.05 -1.46
CA CYS A 15 1.08 -0.02 -0.27
C CYS A 15 1.47 1.06 0.73
N SER A 16 0.54 1.39 1.63
CA SER A 16 0.80 2.40 2.64
C SER A 16 1.11 1.77 3.99
N GLU A 17 0.65 0.54 4.19
CA GLU A 17 0.87 -0.18 5.43
C GLU A 17 2.31 -0.69 5.51
N CYS A 18 2.63 -1.66 4.64
CA CYS A 18 3.97 -2.23 4.61
C CYS A 18 4.85 -1.48 3.62
N GLY A 19 4.35 -1.30 2.41
CA GLY A 19 5.12 -0.60 1.38
C GLY A 19 5.50 -1.51 0.22
N LYS A 20 4.60 -2.43 -0.12
CA LYS A 20 4.85 -3.36 -1.22
C LYS A 20 4.57 -2.70 -2.57
N ALA A 21 5.45 -2.94 -3.53
CA ALA A 21 5.30 -2.38 -4.87
C ALA A 21 4.56 -3.34 -5.79
N PHE A 22 3.53 -2.83 -6.46
CA PHE A 22 2.73 -3.65 -7.38
C PHE A 22 2.77 -3.07 -8.79
N ILE A 23 2.09 -3.73 -9.71
CA ILE A 23 2.03 -3.29 -11.09
C ILE A 23 0.75 -2.53 -11.38
N GLN A 24 -0.36 -3.03 -10.84
CA GLN A 24 -1.66 -2.40 -11.04
C GLN A 24 -2.21 -1.86 -9.72
N LYS A 25 -3.04 -0.83 -9.81
CA LYS A 25 -3.64 -0.22 -8.63
C LYS A 25 -4.51 -1.23 -7.88
N SER A 26 -5.37 -1.92 -8.61
CA SER A 26 -6.27 -2.91 -8.03
C SER A 26 -5.48 -3.98 -7.29
N THR A 27 -4.48 -4.56 -7.96
CA THR A 27 -3.65 -5.60 -7.37
C THR A 27 -3.29 -5.25 -5.94
N LEU A 28 -3.00 -3.98 -5.69
CA LEU A 28 -2.63 -3.53 -4.35
C LEU A 28 -3.82 -3.65 -3.39
N SER A 29 -4.96 -3.09 -3.79
CA SER A 29 -6.16 -3.14 -2.97
C SER A 29 -6.40 -4.56 -2.44
N MET A 30 -6.27 -5.53 -3.32
CA MET A 30 -6.46 -6.93 -2.95
C MET A 30 -5.48 -7.35 -1.87
N HIS A 31 -4.32 -6.69 -1.85
CA HIS A 31 -3.28 -7.00 -0.86
C HIS A 31 -3.56 -6.28 0.45
N GLN A 32 -3.79 -4.97 0.37
CA GLN A 32 -4.05 -4.17 1.56
C GLN A 32 -4.92 -4.94 2.55
N ARG A 33 -5.71 -5.87 2.03
CA ARG A 33 -6.60 -6.66 2.87
C ARG A 33 -5.81 -7.36 3.99
N ILE A 34 -4.71 -7.99 3.63
CA ILE A 34 -3.87 -8.68 4.59
C ILE A 34 -3.65 -7.83 5.84
N HIS A 35 -3.68 -6.50 5.66
CA HIS A 35 -3.47 -5.58 6.77
C HIS A 35 -4.75 -5.43 7.59
N ARG A 36 -5.89 -5.40 6.89
CA ARG A 36 -7.18 -5.26 7.56
C ARG A 36 -7.95 -6.57 7.54
N GLY A 37 -7.75 -7.37 8.59
CA GLY A 37 -8.43 -8.65 8.69
C GLY A 37 -9.24 -8.79 9.96
N GLU A 38 -8.57 -9.04 11.07
CA GLU A 38 -9.24 -9.19 12.35
C GLU A 38 -9.41 -7.84 13.05
N LYS A 39 -10.26 -6.99 12.48
CA LYS A 39 -10.51 -5.67 13.04
C LYS A 39 -9.24 -5.10 13.68
N PRO A 40 -8.15 -5.06 12.90
CA PRO A 40 -6.87 -4.54 13.37
C PRO A 40 -6.89 -3.04 13.57
N SER A 41 -7.38 -2.31 12.57
CA SER A 41 -7.47 -0.85 12.65
C SER A 41 -8.78 -0.36 12.06
N GLY A 42 -9.17 0.85 12.47
CA GLY A 42 -10.42 1.43 11.97
C GLY A 42 -10.18 2.50 10.93
N PRO A 43 -11.26 2.92 10.26
CA PRO A 43 -11.19 3.95 9.21
C PRO A 43 -10.87 5.33 9.78
N SER A 44 -10.71 5.40 11.10
CA SER A 44 -10.41 6.66 11.77
C SER A 44 -9.34 7.43 11.01
N SER A 45 -8.18 6.80 10.84
CA SER A 45 -7.06 7.43 10.15
C SER A 45 -7.56 8.33 9.02
N GLY A 46 -8.28 7.73 8.07
CA GLY A 46 -8.81 8.48 6.94
C GLY A 46 -8.04 8.23 5.67
ZN ZN B . 0.80 -3.76 2.58
N GLY A 1 0.57 30.25 0.12
CA GLY A 1 1.66 29.30 0.17
C GLY A 1 2.01 28.75 -1.20
N SER A 2 2.45 27.49 -1.23
CA SER A 2 2.83 26.86 -2.48
C SER A 2 2.02 25.58 -2.70
N SER A 3 1.88 25.19 -3.97
CA SER A 3 1.12 24.00 -4.32
C SER A 3 1.27 23.68 -5.81
N GLY A 4 1.12 22.41 -6.15
CA GLY A 4 1.24 21.99 -7.54
C GLY A 4 0.26 20.90 -7.91
N SER A 5 0.61 20.10 -8.91
CA SER A 5 -0.26 19.01 -9.36
C SER A 5 0.56 17.92 -10.03
N SER A 6 -0.10 16.82 -10.38
CA SER A 6 0.56 15.69 -11.03
C SER A 6 -0.44 14.80 -11.73
N GLY A 7 -0.03 14.20 -12.84
CA GLY A 7 -0.90 13.31 -13.59
C GLY A 7 -1.20 12.02 -12.85
N THR A 8 -1.40 10.95 -13.61
CA THR A 8 -1.70 9.64 -13.02
C THR A 8 -0.58 9.20 -12.09
N GLY A 9 0.54 9.91 -12.13
CA GLY A 9 1.67 9.57 -11.29
C GLY A 9 2.53 8.47 -11.88
N GLU A 10 3.61 8.86 -12.55
CA GLU A 10 4.51 7.90 -13.18
C GLU A 10 4.82 6.74 -12.22
N ARG A 11 5.08 7.07 -10.96
CA ARG A 11 5.39 6.07 -9.95
C ARG A 11 4.27 5.03 -9.88
N HIS A 12 4.63 3.82 -9.43
CA HIS A 12 3.67 2.74 -9.31
C HIS A 12 2.90 2.84 -7.99
N TYR A 13 1.92 1.96 -7.81
CA TYR A 13 1.12 1.96 -6.60
C TYR A 13 1.76 1.09 -5.53
N GLU A 14 2.20 1.73 -4.44
CA GLU A 14 2.84 1.01 -3.35
C GLU A 14 1.94 1.01 -2.11
N CYS A 15 2.01 -0.08 -1.35
CA CYS A 15 1.20 -0.22 -0.14
C CYS A 15 1.73 0.69 0.97
N SER A 16 0.89 1.62 1.43
CA SER A 16 1.27 2.54 2.49
C SER A 16 1.09 1.90 3.86
N GLU A 17 1.41 0.61 3.95
CA GLU A 17 1.28 -0.12 5.21
C GLU A 17 2.55 -0.91 5.51
N CYS A 18 2.92 -1.80 4.59
CA CYS A 18 4.12 -2.62 4.76
C CYS A 18 5.31 -2.01 4.02
N GLY A 19 5.09 -1.67 2.75
CA GLY A 19 6.15 -1.09 1.95
C GLY A 19 6.41 -1.87 0.68
N LYS A 20 5.35 -2.33 0.03
CA LYS A 20 5.47 -3.09 -1.21
C LYS A 20 5.00 -2.27 -2.41
N ALA A 21 5.34 -2.74 -3.60
CA ALA A 21 4.95 -2.04 -4.82
C ALA A 21 4.13 -2.97 -5.73
N PHE A 22 3.14 -2.39 -6.41
CA PHE A 22 2.29 -3.15 -7.30
C PHE A 22 2.10 -2.42 -8.64
N ILE A 23 2.18 -3.17 -9.73
CA ILE A 23 2.02 -2.59 -11.05
C ILE A 23 0.58 -2.17 -11.31
N GLN A 24 -0.37 -3.01 -10.89
CA GLN A 24 -1.78 -2.72 -11.07
C GLN A 24 -2.42 -2.30 -9.75
N LYS A 25 -3.27 -1.28 -9.81
CA LYS A 25 -3.95 -0.77 -8.62
C LYS A 25 -4.78 -1.87 -7.97
N SER A 26 -5.53 -2.61 -8.79
CA SER A 26 -6.38 -3.68 -8.29
C SER A 26 -5.57 -4.68 -7.47
N THR A 27 -4.41 -5.06 -8.00
CA THR A 27 -3.54 -6.02 -7.34
C THR A 27 -3.11 -5.50 -5.96
N LEU A 28 -3.13 -4.18 -5.80
CA LEU A 28 -2.75 -3.56 -4.54
C LEU A 28 -3.91 -3.55 -3.56
N SER A 29 -5.05 -2.99 -4.00
CA SER A 29 -6.24 -2.92 -3.16
C SER A 29 -6.56 -4.28 -2.55
N MET A 30 -6.39 -5.33 -3.34
CA MET A 30 -6.66 -6.68 -2.88
C MET A 30 -5.62 -7.13 -1.85
N HIS A 31 -4.40 -6.60 -1.98
CA HIS A 31 -3.33 -6.94 -1.06
C HIS A 31 -3.54 -6.26 0.29
N GLN A 32 -3.68 -4.94 0.27
CA GLN A 32 -3.88 -4.17 1.48
C GLN A 32 -4.83 -4.89 2.44
N ARG A 33 -5.68 -5.75 1.88
CA ARG A 33 -6.65 -6.50 2.67
C ARG A 33 -5.96 -7.18 3.85
N ILE A 34 -4.82 -7.80 3.60
CA ILE A 34 -4.08 -8.50 4.64
C ILE A 34 -3.84 -7.59 5.83
N HIS A 35 -3.91 -6.28 5.59
CA HIS A 35 -3.71 -5.30 6.66
C HIS A 35 -5.02 -4.97 7.36
N ARG A 36 -6.10 -4.90 6.60
CA ARG A 36 -7.41 -4.60 7.15
C ARG A 36 -7.71 -5.49 8.36
N GLY A 37 -7.32 -6.76 8.26
CA GLY A 37 -7.55 -7.69 9.35
C GLY A 37 -6.30 -7.96 10.16
N GLU A 38 -6.28 -7.51 11.41
CA GLU A 38 -5.12 -7.71 12.28
C GLU A 38 -5.50 -8.54 13.50
N LYS A 39 -6.36 -7.98 14.34
CA LYS A 39 -6.81 -8.67 15.55
C LYS A 39 -7.68 -9.86 15.20
N PRO A 40 -7.48 -10.98 15.94
CA PRO A 40 -8.24 -12.21 15.73
C PRO A 40 -9.70 -12.07 16.14
N SER A 41 -10.56 -11.77 15.18
CA SER A 41 -11.99 -11.60 15.44
C SER A 41 -12.53 -12.80 16.22
N GLY A 42 -13.19 -12.51 17.34
CA GLY A 42 -13.74 -13.57 18.17
C GLY A 42 -12.74 -14.15 19.14
N PRO A 43 -13.23 -14.66 20.27
CA PRO A 43 -12.38 -15.25 21.31
C PRO A 43 -11.76 -16.57 20.87
N SER A 44 -10.82 -17.08 21.66
CA SER A 44 -10.16 -18.34 21.35
C SER A 44 -9.99 -18.51 19.83
N SER A 45 -9.64 -17.42 19.17
CA SER A 45 -9.46 -17.45 17.72
C SER A 45 -7.97 -17.35 17.35
N GLY A 46 -7.68 -17.38 16.06
CA GLY A 46 -6.31 -17.30 15.60
C GLY A 46 -5.75 -15.89 15.70
ZN ZN B . 0.85 -4.09 2.49
N GLY A 1 16.00 30.67 -1.55
CA GLY A 1 14.85 30.19 -2.29
C GLY A 1 15.23 29.29 -3.44
N SER A 2 14.93 28.00 -3.30
CA SER A 2 15.26 27.02 -4.35
C SER A 2 14.29 25.85 -4.30
N SER A 3 13.87 25.39 -5.48
CA SER A 3 12.94 24.28 -5.59
C SER A 3 13.62 22.96 -5.21
N GLY A 4 12.81 21.92 -5.04
CA GLY A 4 13.35 20.62 -4.68
C GLY A 4 12.29 19.53 -4.66
N SER A 5 11.55 19.42 -5.76
CA SER A 5 10.49 18.42 -5.85
C SER A 5 10.66 17.58 -7.12
N SER A 6 10.09 16.38 -7.11
CA SER A 6 10.17 15.48 -8.24
C SER A 6 8.85 15.43 -9.00
N GLY A 7 8.92 15.10 -10.28
CA GLY A 7 7.71 15.02 -11.09
C GLY A 7 7.23 13.59 -11.29
N THR A 8 7.69 12.97 -12.37
CA THR A 8 7.29 11.59 -12.67
C THR A 8 8.41 10.62 -12.34
N GLY A 9 8.48 10.20 -11.08
CA GLY A 9 9.51 9.27 -10.65
C GLY A 9 8.98 7.86 -10.48
N GLU A 10 7.91 7.73 -9.71
CA GLU A 10 7.31 6.42 -9.45
C GLU A 10 6.17 6.15 -10.43
N ARG A 11 6.26 5.04 -11.15
CA ARG A 11 5.23 4.66 -12.12
C ARG A 11 4.52 3.39 -11.70
N HIS A 12 4.23 3.29 -10.40
CA HIS A 12 3.55 2.11 -9.87
C HIS A 12 2.94 2.41 -8.50
N TYR A 13 1.95 1.62 -8.11
CA TYR A 13 1.28 1.79 -6.83
C TYR A 13 2.03 1.07 -5.72
N GLU A 14 2.08 1.70 -4.55
CA GLU A 14 2.78 1.11 -3.40
C GLU A 14 1.85 1.05 -2.19
N CYS A 15 2.02 0.01 -1.38
CA CYS A 15 1.20 -0.18 -0.18
C CYS A 15 1.69 0.72 0.96
N SER A 16 0.87 1.67 1.35
CA SER A 16 1.22 2.59 2.43
C SER A 16 0.92 1.98 3.79
N GLU A 17 1.24 0.69 3.94
CA GLU A 17 1.01 -0.01 5.19
C GLU A 17 2.26 -0.78 5.62
N CYS A 18 2.81 -1.56 4.70
CA CYS A 18 4.01 -2.35 4.99
C CYS A 18 5.18 -1.87 4.14
N GLY A 19 4.93 -1.66 2.86
CA GLY A 19 5.98 -1.21 1.96
C GLY A 19 6.11 -2.10 0.73
N LYS A 20 4.98 -2.35 0.07
CA LYS A 20 4.97 -3.19 -1.13
C LYS A 20 4.82 -2.33 -2.39
N ALA A 21 4.94 -2.97 -3.54
CA ALA A 21 4.81 -2.28 -4.81
C ALA A 21 4.18 -3.17 -5.87
N PHE A 22 3.10 -2.69 -6.48
CA PHE A 22 2.39 -3.45 -7.51
C PHE A 22 2.31 -2.65 -8.81
N ILE A 23 2.00 -3.35 -9.90
CA ILE A 23 1.87 -2.71 -11.21
C ILE A 23 0.53 -2.02 -11.36
N GLN A 24 -0.53 -2.70 -10.95
CA GLN A 24 -1.88 -2.16 -11.05
C GLN A 24 -2.45 -1.86 -9.66
N LYS A 25 -3.23 -0.79 -9.56
CA LYS A 25 -3.84 -0.40 -8.29
C LYS A 25 -4.72 -1.52 -7.74
N SER A 26 -5.56 -2.08 -8.61
CA SER A 26 -6.46 -3.16 -8.20
C SER A 26 -5.68 -4.28 -7.50
N THR A 27 -4.57 -4.70 -8.11
CA THR A 27 -3.75 -5.75 -7.56
C THR A 27 -3.33 -5.42 -6.12
N LEU A 28 -2.96 -4.17 -5.90
CA LEU A 28 -2.54 -3.73 -4.57
C LEU A 28 -3.68 -3.84 -3.57
N SER A 29 -4.86 -3.40 -3.98
CA SER A 29 -6.03 -3.45 -3.11
C SER A 29 -6.24 -4.87 -2.56
N MET A 30 -6.02 -5.87 -3.41
CA MET A 30 -6.18 -7.26 -3.02
C MET A 30 -5.19 -7.63 -1.92
N HIS A 31 -4.07 -6.91 -1.87
CA HIS A 31 -3.05 -7.16 -0.86
C HIS A 31 -3.32 -6.36 0.41
N GLN A 32 -3.57 -5.07 0.24
CA GLN A 32 -3.84 -4.19 1.37
C GLN A 32 -4.82 -4.85 2.35
N ARG A 33 -5.58 -5.81 1.84
CA ARG A 33 -6.56 -6.52 2.67
C ARG A 33 -5.91 -7.09 3.92
N ILE A 34 -4.73 -7.68 3.75
CA ILE A 34 -4.00 -8.28 4.86
C ILE A 34 -3.91 -7.30 6.04
N HIS A 35 -3.99 -6.01 5.73
CA HIS A 35 -3.92 -4.98 6.76
C HIS A 35 -5.31 -4.70 7.34
N ARG A 36 -6.31 -4.64 6.47
CA ARG A 36 -7.68 -4.37 6.90
C ARG A 36 -8.55 -5.62 6.73
N GLY A 37 -7.95 -6.78 6.95
CA GLY A 37 -8.69 -8.03 6.82
C GLY A 37 -9.48 -8.37 8.06
N GLU A 38 -9.35 -9.61 8.51
CA GLU A 38 -10.07 -10.06 9.71
C GLU A 38 -9.15 -10.00 10.94
N LYS A 39 -9.36 -8.96 11.75
CA LYS A 39 -8.57 -8.78 12.96
C LYS A 39 -9.39 -9.11 14.21
N PRO A 40 -8.73 -9.70 15.21
CA PRO A 40 -9.38 -10.07 16.47
C PRO A 40 -9.75 -8.85 17.31
N SER A 41 -10.47 -9.09 18.41
CA SER A 41 -10.90 -8.01 19.28
C SER A 41 -9.82 -6.94 19.40
N GLY A 42 -10.22 -5.68 19.23
CA GLY A 42 -9.26 -4.59 19.31
C GLY A 42 -9.93 -3.26 19.63
N PRO A 43 -10.23 -3.04 20.92
CA PRO A 43 -10.88 -1.81 21.39
C PRO A 43 -9.96 -0.60 21.27
N SER A 44 -8.76 -0.81 20.74
CA SER A 44 -7.79 0.27 20.59
C SER A 44 -7.18 0.65 21.93
N SER A 45 -6.80 -0.36 22.71
CA SER A 45 -6.21 -0.13 24.03
C SER A 45 -5.22 1.03 23.98
N GLY A 46 -5.29 1.90 24.98
CA GLY A 46 -4.40 3.04 25.05
C GLY A 46 -3.18 2.78 25.92
ZN ZN B . 0.94 -4.02 2.62
N GLY A 1 12.25 31.20 1.78
CA GLY A 1 11.29 30.54 2.63
C GLY A 1 10.75 29.26 2.03
N SER A 2 9.59 28.82 2.50
CA SER A 2 8.98 27.60 2.00
C SER A 2 8.84 27.64 0.49
N SER A 3 8.55 26.48 -0.11
CA SER A 3 8.39 26.38 -1.55
C SER A 3 6.94 26.07 -1.92
N GLY A 4 6.36 25.10 -1.22
CA GLY A 4 4.99 24.71 -1.49
C GLY A 4 4.80 23.20 -1.54
N SER A 5 4.27 22.72 -2.65
CA SER A 5 4.04 21.29 -2.82
C SER A 5 5.32 20.49 -2.56
N SER A 6 5.16 19.27 -2.03
CA SER A 6 6.29 18.42 -1.73
C SER A 6 6.08 17.00 -2.26
N GLY A 7 6.74 16.69 -3.37
CA GLY A 7 6.60 15.38 -3.97
C GLY A 7 6.86 15.38 -5.46
N THR A 8 7.28 14.24 -5.99
CA THR A 8 7.58 14.11 -7.41
C THR A 8 6.35 13.67 -8.19
N GLY A 9 5.76 12.56 -7.76
CA GLY A 9 4.58 12.03 -8.43
C GLY A 9 4.65 10.54 -8.66
N GLU A 10 4.34 9.77 -7.63
CA GLU A 10 4.37 8.31 -7.72
C GLU A 10 3.59 7.82 -8.93
N ARG A 11 4.14 6.84 -9.64
CA ARG A 11 3.49 6.29 -10.82
C ARG A 11 2.86 4.94 -10.51
N HIS A 12 3.62 4.07 -9.86
CA HIS A 12 3.13 2.74 -9.50
C HIS A 12 2.37 2.78 -8.19
N TYR A 13 1.50 1.80 -7.98
CA TYR A 13 0.70 1.72 -6.76
C TYR A 13 1.34 0.79 -5.74
N GLU A 14 2.06 1.37 -4.79
CA GLU A 14 2.72 0.59 -3.75
C GLU A 14 2.04 0.79 -2.40
N CYS A 15 1.91 -0.30 -1.65
CA CYS A 15 1.28 -0.25 -0.33
C CYS A 15 1.96 0.77 0.57
N SER A 16 1.25 1.23 1.59
CA SER A 16 1.80 2.20 2.53
C SER A 16 1.97 1.59 3.91
N GLU A 17 1.22 0.52 4.18
CA GLU A 17 1.30 -0.15 5.47
C GLU A 17 2.63 -0.88 5.62
N CYS A 18 2.87 -1.85 4.75
CA CYS A 18 4.09 -2.63 4.78
C CYS A 18 5.19 -1.97 3.94
N GLY A 19 4.83 -1.57 2.73
CA GLY A 19 5.78 -0.93 1.85
C GLY A 19 5.96 -1.67 0.53
N LYS A 20 5.06 -2.61 0.26
CA LYS A 20 5.11 -3.39 -0.97
C LYS A 20 4.80 -2.52 -2.17
N ALA A 21 5.28 -2.94 -3.34
CA ALA A 21 5.05 -2.20 -4.57
C ALA A 21 4.39 -3.09 -5.63
N PHE A 22 3.48 -2.50 -6.40
CA PHE A 22 2.78 -3.23 -7.44
C PHE A 22 2.66 -2.39 -8.71
N ILE A 23 2.25 -3.04 -9.81
CA ILE A 23 2.11 -2.35 -11.09
C ILE A 23 0.70 -1.81 -11.26
N GLN A 24 -0.30 -2.63 -10.92
CA GLN A 24 -1.69 -2.25 -11.04
C GLN A 24 -2.24 -1.77 -9.70
N LYS A 25 -3.28 -0.96 -9.74
CA LYS A 25 -3.91 -0.43 -8.53
C LYS A 25 -4.75 -1.50 -7.85
N SER A 26 -5.69 -2.08 -8.59
CA SER A 26 -6.57 -3.11 -8.05
C SER A 26 -5.74 -4.22 -7.39
N THR A 27 -4.68 -4.64 -8.06
CA THR A 27 -3.81 -5.69 -7.54
C THR A 27 -3.38 -5.39 -6.12
N LEU A 28 -3.03 -4.14 -5.86
CA LEU A 28 -2.59 -3.71 -4.54
C LEU A 28 -3.71 -3.86 -3.52
N SER A 29 -4.90 -3.41 -3.89
CA SER A 29 -6.07 -3.50 -3.01
C SER A 29 -6.25 -4.91 -2.49
N MET A 30 -6.17 -5.89 -3.39
CA MET A 30 -6.33 -7.29 -3.02
C MET A 30 -5.34 -7.68 -1.92
N HIS A 31 -4.23 -6.94 -1.85
CA HIS A 31 -3.20 -7.21 -0.86
C HIS A 31 -3.44 -6.40 0.41
N GLN A 32 -3.65 -5.10 0.25
CA GLN A 32 -3.90 -4.22 1.39
C GLN A 32 -4.86 -4.87 2.38
N ARG A 33 -5.66 -5.81 1.89
CA ARG A 33 -6.63 -6.51 2.73
C ARG A 33 -5.95 -7.05 3.99
N ILE A 34 -4.78 -7.67 3.81
CA ILE A 34 -4.04 -8.24 4.93
C ILE A 34 -3.85 -7.20 6.04
N HIS A 35 -3.91 -5.93 5.67
CA HIS A 35 -3.76 -4.85 6.65
C HIS A 35 -5.09 -4.49 7.28
N ARG A 36 -6.16 -4.61 6.51
CA ARG A 36 -7.50 -4.30 7.01
C ARG A 36 -8.34 -5.56 7.13
N GLY A 37 -7.71 -6.65 7.55
CA GLY A 37 -8.41 -7.91 7.70
C GLY A 37 -8.86 -8.15 9.13
N GLU A 38 -9.82 -7.36 9.59
CA GLU A 38 -10.34 -7.49 10.94
C GLU A 38 -11.03 -8.83 11.13
N LYS A 39 -11.30 -9.18 12.39
CA LYS A 39 -11.97 -10.44 12.71
C LYS A 39 -13.49 -10.26 12.74
N PRO A 40 -14.21 -11.31 12.34
CA PRO A 40 -15.68 -11.30 12.31
C PRO A 40 -16.28 -11.29 13.71
N SER A 41 -17.58 -10.99 13.79
CA SER A 41 -18.28 -10.95 15.07
C SER A 41 -17.91 -12.14 15.94
N GLY A 42 -18.05 -13.34 15.39
CA GLY A 42 -17.72 -14.55 16.12
C GLY A 42 -16.31 -14.51 16.70
N PRO A 43 -16.17 -15.00 17.94
CA PRO A 43 -14.88 -15.02 18.63
C PRO A 43 -13.92 -16.03 18.02
N SER A 44 -12.67 -15.63 17.84
CA SER A 44 -11.66 -16.51 17.26
C SER A 44 -11.13 -17.49 18.30
N SER A 45 -10.93 -18.73 17.88
CA SER A 45 -10.44 -19.77 18.77
C SER A 45 -9.14 -20.38 18.23
N GLY A 46 -8.26 -19.53 17.73
CA GLY A 46 -6.99 -20.00 17.19
C GLY A 46 -5.89 -18.97 17.30
ZN ZN B . 0.78 -3.95 2.55
N GLY A 1 9.34 26.91 -4.07
CA GLY A 1 9.17 25.75 -3.21
C GLY A 1 9.00 24.47 -3.98
N SER A 2 8.01 24.43 -4.86
CA SER A 2 7.74 23.25 -5.66
C SER A 2 8.81 23.07 -6.75
N SER A 3 9.07 21.82 -7.11
CA SER A 3 10.07 21.52 -8.13
C SER A 3 9.40 21.16 -9.45
N GLY A 4 9.56 22.04 -10.45
CA GLY A 4 8.97 21.79 -11.75
C GLY A 4 9.29 20.40 -12.28
N SER A 5 8.29 19.74 -12.83
CA SER A 5 8.46 18.40 -13.38
C SER A 5 7.84 18.29 -14.77
N SER A 6 8.56 18.76 -15.78
CA SER A 6 8.07 18.72 -17.16
C SER A 6 8.67 17.53 -17.91
N GLY A 7 8.74 16.38 -17.23
CA GLY A 7 9.28 15.19 -17.86
C GLY A 7 8.92 13.93 -17.11
N THR A 8 9.44 13.80 -15.88
CA THR A 8 9.17 12.63 -15.07
C THR A 8 7.68 12.45 -14.82
N GLY A 9 7.26 11.21 -14.60
CA GLY A 9 5.86 10.94 -14.36
C GLY A 9 5.53 9.46 -14.43
N GLU A 10 6.36 8.64 -13.78
CA GLU A 10 6.16 7.20 -13.77
C GLU A 10 6.35 6.64 -12.36
N ARG A 11 5.25 6.25 -11.74
CA ARG A 11 5.30 5.69 -10.39
C ARG A 11 4.29 4.55 -10.24
N HIS A 12 4.67 3.53 -9.47
CA HIS A 12 3.81 2.38 -9.24
C HIS A 12 3.03 2.53 -7.94
N TYR A 13 1.97 1.74 -7.79
CA TYR A 13 1.14 1.78 -6.59
C TYR A 13 1.80 1.00 -5.45
N GLU A 14 2.38 1.74 -4.50
CA GLU A 14 3.03 1.13 -3.36
C GLU A 14 2.10 1.10 -2.15
N CYS A 15 2.16 0.00 -1.40
CA CYS A 15 1.31 -0.16 -0.21
C CYS A 15 1.83 0.72 0.93
N SER A 16 0.98 1.65 1.38
CA SER A 16 1.35 2.55 2.47
C SER A 16 1.08 1.91 3.82
N GLU A 17 1.22 0.59 3.88
CA GLU A 17 0.98 -0.15 5.12
C GLU A 17 2.21 -0.96 5.51
N CYS A 18 2.79 -1.65 4.54
CA CYS A 18 3.97 -2.47 4.78
C CYS A 18 5.18 -1.92 4.01
N GLY A 19 4.99 -1.66 2.73
CA GLY A 19 6.07 -1.13 1.91
C GLY A 19 6.28 -1.94 0.64
N LYS A 20 5.18 -2.39 0.05
CA LYS A 20 5.25 -3.18 -1.18
C LYS A 20 4.99 -2.31 -2.40
N ALA A 21 5.15 -2.89 -3.59
CA ALA A 21 4.93 -2.17 -4.83
C ALA A 21 4.22 -3.04 -5.86
N PHE A 22 3.11 -2.54 -6.39
CA PHE A 22 2.34 -3.28 -7.38
C PHE A 22 2.27 -2.51 -8.70
N ILE A 23 2.16 -3.25 -9.80
CA ILE A 23 2.09 -2.64 -11.13
C ILE A 23 0.70 -2.05 -11.38
N GLN A 24 -0.31 -2.68 -10.81
CA GLN A 24 -1.69 -2.22 -10.98
C GLN A 24 -2.24 -1.66 -9.66
N LYS A 25 -3.33 -0.92 -9.76
CA LYS A 25 -3.96 -0.32 -8.58
C LYS A 25 -4.88 -1.32 -7.90
N SER A 26 -5.56 -2.13 -8.70
CA SER A 26 -6.49 -3.13 -8.17
C SER A 26 -5.73 -4.25 -7.46
N THR A 27 -4.78 -4.85 -8.16
CA THR A 27 -3.98 -5.93 -7.60
C THR A 27 -3.53 -5.61 -6.19
N LEU A 28 -3.18 -4.35 -5.95
CA LEU A 28 -2.74 -3.91 -4.64
C LEU A 28 -3.87 -3.99 -3.62
N SER A 29 -5.05 -3.50 -4.00
CA SER A 29 -6.21 -3.52 -3.12
C SER A 29 -6.43 -4.91 -2.55
N MET A 30 -6.19 -5.92 -3.37
CA MET A 30 -6.36 -7.32 -2.94
C MET A 30 -5.33 -7.69 -1.88
N HIS A 31 -4.21 -6.97 -1.87
CA HIS A 31 -3.15 -7.24 -0.91
C HIS A 31 -3.39 -6.45 0.38
N GLN A 32 -3.67 -5.16 0.23
CA GLN A 32 -3.90 -4.29 1.38
C GLN A 32 -4.87 -4.95 2.36
N ARG A 33 -5.63 -5.93 1.87
CA ARG A 33 -6.59 -6.64 2.71
C ARG A 33 -5.92 -7.21 3.95
N ILE A 34 -4.66 -7.60 3.81
CA ILE A 34 -3.91 -8.16 4.92
C ILE A 34 -3.72 -7.14 6.03
N HIS A 35 -4.10 -5.90 5.76
CA HIS A 35 -3.99 -4.82 6.74
C HIS A 35 -5.35 -4.47 7.32
N ARG A 36 -6.40 -4.70 6.54
CA ARG A 36 -7.76 -4.40 6.98
C ARG A 36 -8.13 -5.24 8.20
N GLY A 37 -7.52 -6.41 8.32
CA GLY A 37 -7.80 -7.29 9.44
C GLY A 37 -6.94 -8.53 9.44
N GLU A 38 -5.84 -8.49 10.19
CA GLU A 38 -4.93 -9.62 10.26
C GLU A 38 -3.99 -9.49 11.47
N LYS A 39 -4.26 -10.28 12.51
CA LYS A 39 -3.44 -10.25 13.72
C LYS A 39 -3.28 -11.66 14.29
N PRO A 40 -2.18 -11.87 15.03
CA PRO A 40 -1.89 -13.16 15.65
C PRO A 40 -2.84 -13.49 16.80
N SER A 41 -3.79 -14.36 16.54
CA SER A 41 -4.77 -14.76 17.55
C SER A 41 -4.07 -15.25 18.82
N GLY A 42 -4.55 -14.75 19.97
CA GLY A 42 -3.96 -15.14 21.23
C GLY A 42 -4.88 -16.02 22.06
N PRO A 43 -5.47 -15.43 23.11
CA PRO A 43 -6.39 -16.14 24.00
C PRO A 43 -7.71 -16.48 23.32
N SER A 44 -7.98 -15.82 22.19
CA SER A 44 -9.21 -16.05 21.45
C SER A 44 -9.32 -17.50 21.01
N SER A 45 -10.54 -18.03 21.02
CA SER A 45 -10.78 -19.41 20.64
C SER A 45 -10.87 -19.54 19.12
N GLY A 46 -9.71 -19.69 18.48
CA GLY A 46 -9.68 -19.82 17.03
C GLY A 46 -8.29 -19.62 16.46
ZN ZN B . 0.85 -4.06 2.34
N GLY A 1 -7.91 28.20 -3.41
CA GLY A 1 -7.48 28.31 -2.03
C GLY A 1 -6.17 27.58 -1.77
N SER A 2 -5.95 27.18 -0.53
CA SER A 2 -4.74 26.47 -0.15
C SER A 2 -4.68 25.10 -0.81
N SER A 3 -3.53 24.78 -1.41
CA SER A 3 -3.35 23.50 -2.08
C SER A 3 -3.25 22.36 -1.06
N GLY A 4 -3.37 21.14 -1.54
CA GLY A 4 -3.30 19.98 -0.67
C GLY A 4 -3.24 18.67 -1.43
N SER A 5 -2.21 18.52 -2.26
CA SER A 5 -2.04 17.31 -3.07
C SER A 5 -0.66 16.71 -2.84
N SER A 6 -0.60 15.71 -1.96
CA SER A 6 0.66 15.05 -1.65
C SER A 6 0.57 13.56 -1.94
N GLY A 7 1.40 13.08 -2.86
CA GLY A 7 1.40 11.66 -3.21
C GLY A 7 2.78 11.04 -3.14
N THR A 8 2.89 9.94 -2.42
CA THR A 8 4.17 9.24 -2.27
C THR A 8 4.43 8.32 -3.44
N GLY A 9 3.44 7.51 -3.79
CA GLY A 9 3.59 6.58 -4.90
C GLY A 9 3.13 7.19 -6.22
N GLU A 10 4.05 7.83 -6.93
CA GLU A 10 3.74 8.46 -8.21
C GLU A 10 4.02 7.50 -9.36
N ARG A 11 5.25 6.98 -9.42
CA ARG A 11 5.64 6.07 -10.47
C ARG A 11 4.73 4.85 -10.49
N HIS A 12 4.67 4.11 -9.37
CA HIS A 12 3.84 2.93 -9.27
C HIS A 12 3.10 2.90 -7.93
N TYR A 13 2.01 2.14 -7.88
CA TYR A 13 1.22 2.03 -6.66
C TYR A 13 2.00 1.31 -5.57
N GLU A 14 2.18 1.98 -4.44
CA GLU A 14 2.91 1.39 -3.32
C GLU A 14 2.02 1.29 -2.08
N CYS A 15 2.20 0.21 -1.32
CA CYS A 15 1.41 -0.01 -0.12
C CYS A 15 1.88 0.89 1.01
N SER A 16 0.93 1.55 1.67
CA SER A 16 1.24 2.45 2.77
C SER A 16 1.38 1.68 4.08
N GLU A 17 0.98 0.41 4.06
CA GLU A 17 1.06 -0.43 5.25
C GLU A 17 2.45 -1.04 5.38
N CYS A 18 2.76 -2.00 4.51
CA CYS A 18 4.05 -2.67 4.52
C CYS A 18 5.06 -1.91 3.66
N GLY A 19 4.65 -1.55 2.44
CA GLY A 19 5.54 -0.84 1.54
C GLY A 19 5.75 -1.57 0.23
N LYS A 20 4.98 -2.64 0.03
CA LYS A 20 5.10 -3.43 -1.19
C LYS A 20 4.53 -2.68 -2.39
N ALA A 21 5.25 -2.72 -3.50
CA ALA A 21 4.82 -2.04 -4.73
C ALA A 21 4.14 -3.02 -5.68
N PHE A 22 3.07 -2.55 -6.31
CA PHE A 22 2.32 -3.38 -7.26
C PHE A 22 2.17 -2.68 -8.60
N ILE A 23 2.32 -3.44 -9.68
CA ILE A 23 2.20 -2.88 -11.02
C ILE A 23 0.79 -2.36 -11.28
N GLN A 24 -0.21 -3.14 -10.92
CA GLN A 24 -1.60 -2.75 -11.10
C GLN A 24 -2.17 -2.16 -9.82
N LYS A 25 -3.15 -1.27 -9.97
CA LYS A 25 -3.79 -0.63 -8.83
C LYS A 25 -4.61 -1.63 -8.02
N SER A 26 -5.48 -2.37 -8.71
CA SER A 26 -6.31 -3.37 -8.05
C SER A 26 -5.46 -4.36 -7.27
N THR A 27 -4.46 -4.93 -7.93
CA THR A 27 -3.58 -5.90 -7.29
C THR A 27 -3.19 -5.45 -5.89
N LEU A 28 -3.11 -4.13 -5.69
CA LEU A 28 -2.75 -3.58 -4.39
C LEU A 28 -3.95 -3.59 -3.44
N SER A 29 -5.07 -3.04 -3.90
CA SER A 29 -6.28 -2.99 -3.09
C SER A 29 -6.63 -4.37 -2.54
N MET A 30 -6.41 -5.40 -3.36
CA MET A 30 -6.70 -6.76 -2.96
C MET A 30 -5.64 -7.28 -1.98
N HIS A 31 -4.51 -6.60 -1.94
CA HIS A 31 -3.41 -6.99 -1.05
C HIS A 31 -3.56 -6.32 0.31
N GLN A 32 -3.74 -5.00 0.30
CA GLN A 32 -3.89 -4.25 1.54
C GLN A 32 -4.80 -4.97 2.52
N ARG A 33 -5.66 -5.85 1.99
CA ARG A 33 -6.58 -6.61 2.82
C ARG A 33 -5.84 -7.30 3.95
N ILE A 34 -4.67 -7.85 3.64
CA ILE A 34 -3.87 -8.54 4.64
C ILE A 34 -3.60 -7.65 5.85
N HIS A 35 -3.76 -6.35 5.66
CA HIS A 35 -3.53 -5.38 6.74
C HIS A 35 -4.84 -5.06 7.45
N ARG A 36 -5.85 -5.90 7.24
CA ARG A 36 -7.16 -5.68 7.85
C ARG A 36 -7.53 -6.86 8.76
N GLY A 37 -7.14 -6.77 10.03
CA GLY A 37 -7.44 -7.83 10.97
C GLY A 37 -6.61 -9.08 10.72
N GLU A 38 -5.64 -9.33 11.59
CA GLU A 38 -4.77 -10.49 11.46
C GLU A 38 -4.77 -11.32 12.74
N LYS A 39 -4.47 -12.61 12.61
CA LYS A 39 -4.42 -13.51 13.75
C LYS A 39 -3.00 -13.62 14.30
N PRO A 40 -2.88 -13.56 15.63
CA PRO A 40 -1.57 -13.66 16.31
C PRO A 40 -0.98 -15.06 16.22
N SER A 41 0.09 -15.20 15.45
CA SER A 41 0.76 -16.49 15.28
C SER A 41 2.14 -16.48 15.90
N GLY A 42 2.41 -17.46 16.75
CA GLY A 42 3.71 -17.54 17.41
C GLY A 42 3.65 -17.12 18.87
N PRO A 43 4.81 -16.73 19.42
CA PRO A 43 4.91 -16.29 20.81
C PRO A 43 4.23 -14.94 21.05
N SER A 44 3.86 -14.28 19.96
CA SER A 44 3.20 -12.98 20.05
C SER A 44 4.07 -11.98 20.80
N SER A 45 5.32 -11.86 20.36
CA SER A 45 6.26 -10.94 20.98
C SER A 45 5.63 -9.56 21.20
N GLY A 46 4.58 -9.28 20.43
CA GLY A 46 3.90 -8.01 20.55
C GLY A 46 4.51 -6.93 19.67
ZN ZN B . 0.86 -4.17 2.31
N GLY A 1 20.54 17.10 4.41
CA GLY A 1 19.61 16.48 3.49
C GLY A 1 20.31 15.93 2.26
N SER A 2 19.55 15.72 1.19
CA SER A 2 20.10 15.19 -0.05
C SER A 2 19.07 15.24 -1.17
N SER A 3 19.55 15.26 -2.41
CA SER A 3 18.66 15.31 -3.57
C SER A 3 19.15 14.36 -4.66
N GLY A 4 18.30 14.12 -5.65
CA GLY A 4 18.65 13.22 -6.74
C GLY A 4 17.46 12.45 -7.27
N SER A 5 16.32 12.57 -6.58
CA SER A 5 15.12 11.87 -6.99
C SER A 5 14.39 12.64 -8.08
N SER A 6 15.14 13.09 -9.09
CA SER A 6 14.57 13.84 -10.19
C SER A 6 14.25 12.93 -11.37
N GLY A 7 13.03 12.40 -11.39
CA GLY A 7 12.63 11.51 -12.47
C GLY A 7 11.57 10.52 -12.03
N THR A 8 10.61 10.25 -12.91
CA THR A 8 9.54 9.32 -12.61
C THR A 8 9.40 8.27 -13.71
N GLY A 9 9.37 7.01 -13.31
CA GLY A 9 9.23 5.93 -14.28
C GLY A 9 7.82 5.43 -14.39
N GLU A 10 7.50 4.35 -13.67
CA GLU A 10 6.16 3.78 -13.71
C GLU A 10 5.37 4.18 -12.48
N ARG A 11 6.05 4.30 -11.34
CA ARG A 11 5.41 4.68 -10.09
C ARG A 11 4.39 3.63 -9.66
N HIS A 12 4.83 2.38 -9.62
CA HIS A 12 3.95 1.28 -9.22
C HIS A 12 3.23 1.60 -7.92
N TYR A 13 1.95 1.27 -7.86
CA TYR A 13 1.13 1.54 -6.68
C TYR A 13 1.72 0.84 -5.46
N GLU A 14 2.45 1.61 -4.64
CA GLU A 14 3.07 1.08 -3.44
C GLU A 14 2.09 1.09 -2.27
N CYS A 15 2.10 0.01 -1.49
CA CYS A 15 1.21 -0.11 -0.34
C CYS A 15 1.66 0.80 0.79
N SER A 16 0.85 1.81 1.12
CA SER A 16 1.17 2.75 2.18
C SER A 16 0.81 2.17 3.54
N GLU A 17 1.10 0.88 3.73
CA GLU A 17 0.80 0.20 4.98
C GLU A 17 2.01 -0.60 5.46
N CYS A 18 2.65 -1.31 4.54
CA CYS A 18 3.80 -2.13 4.86
C CYS A 18 5.03 -1.66 4.08
N GLY A 19 4.89 -1.55 2.76
CA GLY A 19 5.99 -1.12 1.93
C GLY A 19 6.17 -1.99 0.70
N LYS A 20 5.06 -2.37 0.08
CA LYS A 20 5.10 -3.22 -1.11
C LYS A 20 4.91 -2.38 -2.37
N ALA A 21 4.98 -3.04 -3.52
CA ALA A 21 4.81 -2.36 -4.80
C ALA A 21 4.05 -3.23 -5.80
N PHE A 22 3.12 -2.62 -6.51
CA PHE A 22 2.33 -3.35 -7.50
C PHE A 22 2.23 -2.56 -8.80
N ILE A 23 2.16 -3.28 -9.92
CA ILE A 23 2.07 -2.66 -11.23
C ILE A 23 0.70 -2.05 -11.46
N GLN A 24 -0.32 -2.69 -10.90
CA GLN A 24 -1.69 -2.20 -11.04
C GLN A 24 -2.28 -1.85 -9.69
N LYS A 25 -3.21 -0.90 -9.68
CA LYS A 25 -3.85 -0.46 -8.44
C LYS A 25 -4.70 -1.57 -7.84
N SER A 26 -5.66 -2.07 -8.62
CA SER A 26 -6.53 -3.14 -8.16
C SER A 26 -5.73 -4.22 -7.44
N THR A 27 -4.66 -4.68 -8.07
CA THR A 27 -3.81 -5.72 -7.49
C THR A 27 -3.42 -5.37 -6.06
N LEU A 28 -3.00 -4.12 -5.85
CA LEU A 28 -2.60 -3.66 -4.53
C LEU A 28 -3.75 -3.77 -3.54
N SER A 29 -4.91 -3.26 -3.93
CA SER A 29 -6.09 -3.30 -3.08
C SER A 29 -6.31 -4.71 -2.52
N MET A 30 -6.17 -5.71 -3.39
CA MET A 30 -6.35 -7.09 -2.99
C MET A 30 -5.36 -7.48 -1.89
N HIS A 31 -4.19 -6.87 -1.92
CA HIS A 31 -3.15 -7.15 -0.92
C HIS A 31 -3.42 -6.38 0.37
N GLN A 32 -3.66 -5.08 0.23
CA GLN A 32 -3.93 -4.22 1.39
C GLN A 32 -4.83 -4.93 2.39
N ARG A 33 -5.61 -5.89 1.91
CA ARG A 33 -6.52 -6.64 2.76
C ARG A 33 -5.78 -7.21 3.97
N ILE A 34 -4.61 -7.78 3.72
CA ILE A 34 -3.79 -8.35 4.78
C ILE A 34 -3.73 -7.43 5.99
N HIS A 35 -3.99 -6.15 5.76
CA HIS A 35 -3.96 -5.16 6.83
C HIS A 35 -5.34 -5.03 7.49
N ARG A 36 -6.38 -5.03 6.66
CA ARG A 36 -7.75 -4.91 7.16
C ARG A 36 -8.52 -6.21 6.96
N GLY A 37 -8.48 -7.07 7.97
CA GLY A 37 -9.17 -8.34 7.89
C GLY A 37 -10.68 -8.17 7.88
N GLU A 38 -11.30 -8.37 9.04
CA GLU A 38 -12.75 -8.25 9.17
C GLU A 38 -13.29 -7.15 8.24
N LYS A 39 -14.49 -7.35 7.74
CA LYS A 39 -15.12 -6.38 6.84
C LYS A 39 -14.12 -5.86 5.83
N PRO A 40 -13.49 -6.78 5.08
CA PRO A 40 -12.50 -6.44 4.05
C PRO A 40 -13.14 -5.76 2.85
N SER A 41 -14.45 -5.91 2.71
CA SER A 41 -15.17 -5.32 1.60
C SER A 41 -16.56 -4.85 2.03
N GLY A 42 -16.73 -3.54 2.14
CA GLY A 42 -18.00 -2.98 2.55
C GLY A 42 -18.61 -2.08 1.49
N PRO A 43 -18.20 -0.80 1.51
CA PRO A 43 -18.69 0.21 0.56
C PRO A 43 -18.19 -0.05 -0.86
N SER A 44 -18.95 0.41 -1.85
CA SER A 44 -18.58 0.24 -3.24
C SER A 44 -18.18 -1.21 -3.53
N SER A 45 -18.94 -2.15 -2.97
CA SER A 45 -18.68 -3.56 -3.15
C SER A 45 -18.44 -3.89 -4.62
N GLY A 46 -17.61 -4.90 -4.87
CA GLY A 46 -17.32 -5.29 -6.24
C GLY A 46 -15.85 -5.24 -6.56
ZN ZN B . 0.62 -3.85 2.60
N GLY A 1 17.07 30.28 -4.28
CA GLY A 1 17.82 29.13 -4.78
C GLY A 1 16.91 27.99 -5.23
N SER A 2 17.23 27.40 -6.36
CA SER A 2 16.44 26.30 -6.90
C SER A 2 17.23 25.00 -6.87
N SER A 3 17.04 24.22 -5.81
CA SER A 3 17.74 22.95 -5.65
C SER A 3 16.78 21.78 -5.81
N GLY A 4 17.32 20.60 -6.12
CA GLY A 4 16.50 19.42 -6.30
C GLY A 4 16.29 18.66 -5.01
N SER A 5 15.45 19.21 -4.13
CA SER A 5 15.18 18.57 -2.85
C SER A 5 13.72 18.12 -2.77
N SER A 6 13.44 16.93 -3.31
CA SER A 6 12.09 16.40 -3.29
C SER A 6 12.11 14.87 -3.45
N GLY A 7 11.05 14.22 -2.99
CA GLY A 7 10.97 12.78 -3.08
C GLY A 7 10.42 12.31 -4.41
N THR A 8 11.31 11.85 -5.29
CA THR A 8 10.90 11.39 -6.61
C THR A 8 11.19 9.90 -6.77
N GLY A 9 10.42 9.23 -7.62
CA GLY A 9 10.61 7.81 -7.85
C GLY A 9 9.39 6.99 -7.46
N GLU A 10 8.21 7.48 -7.83
CA GLU A 10 6.96 6.78 -7.52
C GLU A 10 6.12 6.59 -8.77
N ARG A 11 6.43 5.55 -9.53
CA ARG A 11 5.70 5.25 -10.75
C ARG A 11 4.90 3.96 -10.61
N HIS A 12 4.24 3.80 -9.48
CA HIS A 12 3.44 2.60 -9.22
C HIS A 12 2.66 2.74 -7.91
N TYR A 13 1.70 1.85 -7.71
CA TYR A 13 0.88 1.88 -6.51
C TYR A 13 1.55 1.09 -5.38
N GLU A 14 2.33 1.78 -4.55
CA GLU A 14 3.02 1.14 -3.44
C GLU A 14 2.18 1.23 -2.16
N CYS A 15 2.12 0.12 -1.43
CA CYS A 15 1.36 0.06 -0.19
C CYS A 15 1.98 0.98 0.87
N SER A 16 1.16 1.41 1.82
CA SER A 16 1.61 2.29 2.88
C SER A 16 1.82 1.51 4.18
N GLU A 17 1.04 0.46 4.36
CA GLU A 17 1.13 -0.37 5.56
C GLU A 17 2.50 -1.04 5.65
N CYS A 18 2.78 -1.92 4.69
CA CYS A 18 4.05 -2.63 4.66
C CYS A 18 5.07 -1.90 3.80
N GLY A 19 4.64 -1.47 2.61
CA GLY A 19 5.52 -0.75 1.71
C GLY A 19 5.88 -1.56 0.49
N LYS A 20 4.94 -2.37 0.01
CA LYS A 20 5.16 -3.20 -1.16
C LYS A 20 4.96 -2.39 -2.44
N ALA A 21 5.29 -3.01 -3.58
CA ALA A 21 5.15 -2.34 -4.86
C ALA A 21 4.46 -3.26 -5.88
N PHE A 22 3.39 -2.76 -6.48
CA PHE A 22 2.63 -3.52 -7.46
C PHE A 22 2.62 -2.81 -8.81
N ILE A 23 1.98 -3.45 -9.80
CA ILE A 23 1.89 -2.87 -11.13
C ILE A 23 0.52 -2.24 -11.38
N GLN A 24 -0.51 -2.91 -10.89
CA GLN A 24 -1.88 -2.42 -11.06
C GLN A 24 -2.47 -1.99 -9.72
N LYS A 25 -3.37 -1.02 -9.77
CA LYS A 25 -4.01 -0.51 -8.55
C LYS A 25 -4.79 -1.62 -7.86
N SER A 26 -5.53 -2.40 -8.63
CA SER A 26 -6.32 -3.50 -8.08
C SER A 26 -5.43 -4.47 -7.30
N THR A 27 -4.32 -4.86 -7.91
CA THR A 27 -3.38 -5.79 -7.28
C THR A 27 -3.02 -5.34 -5.88
N LEU A 28 -2.95 -4.01 -5.69
CA LEU A 28 -2.61 -3.45 -4.39
C LEU A 28 -3.79 -3.54 -3.42
N SER A 29 -4.97 -3.14 -3.90
CA SER A 29 -6.17 -3.18 -3.09
C SER A 29 -6.43 -4.58 -2.55
N MET A 30 -6.26 -5.58 -3.43
CA MET A 30 -6.47 -6.97 -3.05
C MET A 30 -5.44 -7.42 -2.03
N HIS A 31 -4.36 -6.66 -1.92
CA HIS A 31 -3.29 -6.97 -0.97
C HIS A 31 -3.52 -6.28 0.37
N GLN A 32 -3.56 -4.95 0.34
CA GLN A 32 -3.78 -4.18 1.56
C GLN A 32 -4.78 -4.86 2.47
N ARG A 33 -5.68 -5.65 1.88
CA ARG A 33 -6.69 -6.37 2.65
C ARG A 33 -6.07 -7.09 3.84
N ILE A 34 -4.96 -7.79 3.58
CA ILE A 34 -4.26 -8.53 4.63
C ILE A 34 -4.03 -7.66 5.85
N HIS A 35 -3.87 -6.36 5.63
CA HIS A 35 -3.64 -5.41 6.72
C HIS A 35 -4.93 -5.14 7.48
N ARG A 36 -6.06 -5.17 6.76
CA ARG A 36 -7.35 -4.92 7.37
C ARG A 36 -7.95 -6.21 7.94
N GLY A 37 -7.11 -7.01 8.58
CA GLY A 37 -7.56 -8.26 9.16
C GLY A 37 -8.65 -8.92 8.34
N GLU A 38 -8.42 -9.03 7.04
CA GLU A 38 -9.40 -9.64 6.13
C GLU A 38 -9.67 -11.09 6.54
N LYS A 39 -8.65 -11.93 6.43
CA LYS A 39 -8.79 -13.34 6.78
C LYS A 39 -8.18 -13.62 8.16
N PRO A 40 -8.66 -14.68 8.81
CA PRO A 40 -8.18 -15.09 10.13
C PRO A 40 -6.75 -15.62 10.10
N SER A 41 -6.17 -15.83 11.27
CA SER A 41 -4.81 -16.35 11.37
C SER A 41 -4.81 -17.79 11.84
N GLY A 42 -5.73 -18.59 11.30
CA GLY A 42 -5.81 -19.99 11.66
C GLY A 42 -5.65 -20.21 13.16
N PRO A 43 -5.23 -21.42 13.54
CA PRO A 43 -5.03 -21.78 14.94
C PRO A 43 -3.83 -21.05 15.56
N SER A 44 -3.21 -20.18 14.79
CA SER A 44 -2.05 -19.43 15.26
C SER A 44 -2.37 -17.93 15.32
N SER A 45 -3.00 -17.53 16.42
CA SER A 45 -3.37 -16.12 16.61
C SER A 45 -2.53 -15.49 17.71
N GLY A 46 -1.44 -14.84 17.32
CA GLY A 46 -0.57 -14.20 18.28
C GLY A 46 0.91 -14.40 17.96
ZN ZN B . 0.83 -3.82 2.46
#